data_6IAP
#
_entry.id   6IAP
#
_cell.length_a   67.858
_cell.length_b   73.827
_cell.length_c   128.518
_cell.angle_alpha   90.000
_cell.angle_beta   90.570
_cell.angle_gamma   90.000
#
_symmetry.space_group_name_H-M   'P 1 21 1'
#
loop_
_entity.id
_entity.type
_entity.pdbx_description
1 polymer 'Natural cytotoxicity triggering receptor 1'
2 polymer 'Fab NKp46-4 light chain'
3 polymer 'Fab NKp46-4 heavy chain'
4 polymer 'Fab NKp46-1 heavy chain'
5 polymer 'Fab NKp46-1 light chain'
6 water water
#
loop_
_entity_poly.entity_id
_entity_poly.type
_entity_poly.pdbx_seq_one_letter_code
_entity_poly.pdbx_strand_id
1 'polypeptide(L)'
;TLPKPFIWAEPHFMVPKEKQVTICCQGNYGAVEYQLHFEGSLFAVDRPKPPERINKVKFYIPDMNSRMAGQYSCIYRVGE
LWSEPSNLLDLVVTEMYDTPTLSVHPGPEVISGEKVTFYCRLDTATSMFLLLKEGRSSHVQRGYGKVQAEFPLGPVTTAH
RGTYRCFGSYNNHAWSFPSEPV
;
A
2 'polypeptide(L)'
;DIQMTQSPSSLSASVGDRVTITCRASENIYSNLAWFQQKPGKAPKLLVYAATNLADGVPSRFSGSGSGTDYTLTISSLQP
EDFATYYCQHFWGTPRTFGGGTKVEIKRTVAAPSVFIFPPSDEQLKSGTASVVCLLNNFYPREAKVQWKVDNALQSGNSQ
ESVTEQDSKDSTYSLSSTLTLSKADYEKHKVYACEVTHQGLSSPVTKSFNR
;
D
3 'polypeptide(L)'
;QVQLVQSGAEVKKPGASVKVSCKASGYTFTSFTMHWVRQAPGQGLEWIGYINPSSGYTEYNQKFKDRVTITADKSTSTAY
MELSSLRSEDTAVYYCVRGSSRGFDYWGQGTLVTVSSASTKGPSVFPLAPSSKSTSGGTAALGCLVKDYFPEPVTVSWNS
GALTSGVHTFPAVLQSSGLYSLSSVVTVPSSSLGTQTYICNVNHKPSNTKVDKRVEP
;
E
4 'polypeptide(L)'
;QVQLVQSGAEVKKPGSSVKVSCKASGYTFSDYVINWVRQAPGQGLEWMGEIYPGSGTNYYNEKFKAKATITADKSTSTAY
MELSSLRSEDTAVYYCARRGRYGLYAMDYWGQGTTVTVSSASTKGPSVFPLAPSSKSTSGGTAALGCLVKDYFPEPVTVS
WNSGALTSGVHTFPAVLQSSGLYSLSSVVTVPSSSLGTQTYICNVNHKPSNTKVDKRVEP
;
H
5 'polypeptide(L)'
;DIQMTQSPSSLSASVGDRVTITCRASQDISNYLNWYQQKPGKAPKLLIYYTSRLHSGVPSRFSGSGSGTDFTFTISSLQP
EDIATYFCQQGNTRPWTFGGGTKVEIKRTVAAPSVFIFPPSDEQLKSGTASVVCLLNNFYPREAKVQWKVDNALQSGNSQ
ESVTEQDSKDSTYSLSSTLTLSKADYEKHKVYACEVTHQGLSSPVTKSFNR
;
L
#
# COMPACT_ATOMS: atom_id res chain seq x y z
N THR A 1 -28.03 3.28 -27.99
CA THR A 1 -27.10 2.14 -27.99
C THR A 1 -26.79 1.70 -26.54
N LEU A 2 -25.67 2.20 -25.95
CA LEU A 2 -25.23 1.90 -24.58
C LEU A 2 -25.45 3.13 -23.66
N PRO A 3 -26.59 3.17 -22.92
CA PRO A 3 -26.95 4.36 -22.15
C PRO A 3 -25.90 4.92 -21.21
N LYS A 4 -25.83 6.26 -21.10
CA LYS A 4 -24.85 6.95 -20.25
C LYS A 4 -25.26 6.83 -18.81
N PRO A 5 -24.35 6.38 -17.92
CA PRO A 5 -24.75 6.23 -16.51
C PRO A 5 -24.99 7.54 -15.75
N PHE A 6 -25.57 7.41 -14.54
CA PHE A 6 -25.77 8.55 -13.68
C PHE A 6 -25.07 8.27 -12.38
N ILE A 7 -24.23 9.23 -11.97
CA ILE A 7 -23.45 9.22 -10.72
C ILE A 7 -24.02 10.27 -9.75
N TRP A 8 -24.06 9.95 -8.45
CA TRP A 8 -24.53 10.87 -7.41
C TRP A 8 -24.00 10.48 -6.05
N ALA A 9 -23.95 11.45 -5.14
CA ALA A 9 -23.42 11.23 -3.81
C ALA A 9 -24.52 11.16 -2.76
N GLU A 10 -24.47 10.12 -1.91
CA GLU A 10 -25.41 9.99 -0.80
C GLU A 10 -24.67 10.08 0.56
N PRO A 11 -25.07 10.99 1.48
CA PRO A 11 -26.28 11.85 1.44
C PRO A 11 -26.23 13.05 0.48
N HIS A 12 -25.04 13.65 0.31
CA HIS A 12 -24.83 14.87 -0.46
C HIS A 12 -23.38 14.95 -0.95
N PHE A 13 -23.07 15.80 -1.95
CA PHE A 13 -21.68 15.91 -2.42
C PHE A 13 -20.74 16.66 -1.45
N MET A 14 -21.33 17.43 -0.49
CA MET A 14 -20.59 18.16 0.53
C MET A 14 -20.48 17.26 1.76
N VAL A 15 -19.34 16.60 1.89
CA VAL A 15 -19.12 15.64 2.96
C VAL A 15 -18.11 16.17 3.97
N PRO A 16 -18.53 16.49 5.23
CA PRO A 16 -17.57 16.92 6.26
C PRO A 16 -16.57 15.81 6.53
N LYS A 17 -15.34 16.17 6.98
CA LYS A 17 -14.24 15.25 7.30
C LYS A 17 -14.71 14.07 8.18
N GLU A 18 -14.11 12.91 7.97
CA GLU A 18 -14.32 11.62 8.63
C GLU A 18 -15.79 11.20 8.78
N LYS A 19 -16.59 11.62 7.80
CA LYS A 19 -18.02 11.25 7.74
C LYS A 19 -18.20 10.23 6.61
N GLN A 20 -19.28 9.45 6.64
CA GLN A 20 -19.47 8.40 5.61
C GLN A 20 -20.14 8.96 4.35
N VAL A 21 -19.69 8.48 3.18
CA VAL A 21 -20.27 8.91 1.89
C VAL A 21 -20.39 7.68 0.99
N THR A 22 -21.50 7.59 0.27
CA THR A 22 -21.72 6.45 -0.64
C THR A 22 -21.95 7.01 -2.03
N ILE A 23 -21.10 6.63 -2.98
CA ILE A 23 -21.28 7.10 -4.37
C ILE A 23 -22.11 6.06 -5.10
N CYS A 24 -23.19 6.49 -5.71
CA CYS A 24 -24.08 5.52 -6.40
C CYS A 24 -23.97 5.75 -7.91
N CYS A 25 -23.90 4.64 -8.64
CA CYS A 25 -23.83 4.62 -10.09
C CYS A 25 -24.91 3.74 -10.71
N GLN A 26 -25.80 4.35 -11.49
CA GLN A 26 -26.86 3.63 -12.18
C GLN A 26 -26.49 3.50 -13.66
N GLY A 27 -26.14 2.28 -14.05
CA GLY A 27 -25.79 1.97 -15.43
C GLY A 27 -26.98 1.36 -16.11
N ASN A 28 -26.81 0.13 -16.56
CA ASN A 28 -27.86 -0.60 -17.26
C ASN A 28 -27.90 -2.03 -16.73
N TYR A 29 -29.02 -2.74 -16.99
CA TYR A 29 -29.18 -4.14 -16.60
C TYR A 29 -28.31 -5.01 -17.50
N GLY A 30 -27.71 -6.06 -16.93
CA GLY A 30 -26.85 -6.98 -17.65
C GLY A 30 -25.50 -6.37 -18.01
N ALA A 31 -24.97 -5.49 -17.15
CA ALA A 31 -23.66 -4.87 -17.31
C ALA A 31 -22.71 -5.63 -16.39
N VAL A 32 -21.60 -6.13 -16.92
CA VAL A 32 -20.60 -6.96 -16.24
C VAL A 32 -19.70 -6.25 -15.20
N GLU A 33 -19.17 -5.05 -15.50
CA GLU A 33 -18.25 -4.26 -14.65
C GLU A 33 -18.84 -2.87 -14.44
N TYR A 34 -18.43 -2.16 -13.38
CA TYR A 34 -18.85 -0.78 -13.09
C TYR A 34 -17.63 -0.15 -12.48
N GLN A 35 -17.11 0.89 -13.11
CA GLN A 35 -15.90 1.55 -12.64
C GLN A 35 -16.14 2.98 -12.14
N LEU A 36 -15.45 3.30 -11.04
CA LEU A 36 -15.39 4.61 -10.41
C LEU A 36 -14.02 5.14 -10.74
N HIS A 37 -13.98 6.28 -11.40
CA HIS A 37 -12.71 6.89 -11.73
C HIS A 37 -12.56 8.12 -10.87
N PHE A 38 -11.41 8.20 -10.20
CA PHE A 38 -11.04 9.34 -9.39
C PHE A 38 -9.89 10.06 -10.05
N GLU A 39 -10.04 11.40 -10.20
CA GLU A 39 -9.05 12.33 -10.78
C GLU A 39 -8.17 11.70 -11.84
N GLY A 40 -8.83 11.12 -12.84
CA GLY A 40 -8.22 10.41 -13.97
C GLY A 40 -7.40 9.17 -13.61
N SER A 41 -8.00 8.23 -12.85
CA SER A 41 -7.36 6.97 -12.47
C SER A 41 -8.36 6.04 -11.86
N LEU A 42 -8.28 4.75 -12.19
CA LEU A 42 -9.19 3.75 -11.67
C LEU A 42 -9.11 3.77 -10.15
N PHE A 43 -10.27 3.93 -9.49
CA PHE A 43 -10.39 4.00 -8.02
C PHE A 43 -11.01 2.73 -7.46
N ALA A 44 -12.15 2.31 -8.05
CA ALA A 44 -12.93 1.14 -7.68
C ALA A 44 -13.70 0.56 -8.85
N VAL A 45 -13.98 -0.76 -8.75
CA VAL A 45 -14.68 -1.61 -9.70
C VAL A 45 -15.72 -2.45 -8.95
N ASP A 46 -16.95 -2.54 -9.50
CA ASP A 46 -18.00 -3.39 -8.98
C ASP A 46 -18.50 -4.26 -10.09
N ARG A 47 -18.40 -5.57 -9.87
CA ARG A 47 -18.84 -6.57 -10.82
C ARG A 47 -20.14 -7.19 -10.27
N PRO A 48 -21.33 -6.72 -10.74
CA PRO A 48 -22.60 -7.20 -10.15
C PRO A 48 -22.76 -8.69 -10.29
N LYS A 49 -22.62 -9.48 -9.17
CA LYS A 49 -22.65 -10.94 -9.25
C LYS A 49 -23.82 -11.39 -10.13
N PRO A 50 -25.13 -11.16 -9.89
CA PRO A 50 -26.11 -11.45 -10.96
C PRO A 50 -26.21 -10.19 -11.86
N PRO A 51 -25.59 -10.14 -13.06
CA PRO A 51 -25.57 -8.89 -13.81
C PRO A 51 -26.89 -8.48 -14.42
N GLU A 52 -27.69 -9.43 -14.93
CA GLU A 52 -28.99 -9.15 -15.56
C GLU A 52 -30.00 -8.70 -14.55
N ARG A 53 -29.73 -9.01 -13.28
CA ARG A 53 -30.59 -8.68 -12.15
C ARG A 53 -30.32 -7.28 -11.55
N ILE A 54 -29.22 -6.62 -11.99
CA ILE A 54 -28.78 -5.32 -11.46
C ILE A 54 -28.58 -4.24 -12.55
N ASN A 55 -28.93 -2.98 -12.22
CA ASN A 55 -28.78 -1.78 -13.05
C ASN A 55 -28.03 -0.66 -12.26
N LYS A 56 -27.64 -0.89 -10.98
CA LYS A 56 -26.95 0.10 -10.13
C LYS A 56 -25.91 -0.52 -9.18
N VAL A 57 -24.95 0.29 -8.76
CA VAL A 57 -23.83 -0.10 -7.91
C VAL A 57 -23.57 0.93 -6.82
N LYS A 58 -23.08 0.46 -5.66
CA LYS A 58 -22.79 1.34 -4.54
C LYS A 58 -21.34 1.24 -4.17
N PHE A 59 -20.66 2.39 -4.09
CA PHE A 59 -19.25 2.52 -3.71
C PHE A 59 -19.24 3.35 -2.42
N TYR A 60 -18.66 2.87 -1.34
CA TYR A 60 -18.74 3.74 -0.19
C TYR A 60 -17.40 4.06 0.44
N ILE A 61 -17.22 5.33 0.86
CA ILE A 61 -16.04 5.81 1.59
C ILE A 61 -16.45 5.79 3.08
N PRO A 62 -15.66 5.13 3.97
CA PRO A 62 -16.07 5.06 5.39
C PRO A 62 -15.72 6.31 6.22
N ASP A 63 -14.55 6.92 5.95
CA ASP A 63 -14.07 8.14 6.61
C ASP A 63 -13.65 9.04 5.47
N MET A 64 -14.28 10.21 5.35
CA MET A 64 -14.01 11.13 4.27
C MET A 64 -12.86 12.04 4.62
N ASN A 65 -11.87 12.09 3.73
CA ASN A 65 -10.68 12.92 3.89
C ASN A 65 -10.44 13.74 2.62
N SER A 66 -9.42 14.61 2.65
CA SER A 66 -8.97 15.44 1.53
C SER A 66 -8.42 14.57 0.41
N ARG A 67 -7.74 13.47 0.80
CA ARG A 67 -7.12 12.50 -0.10
C ARG A 67 -8.15 11.90 -1.09
N MET A 68 -9.45 11.94 -0.75
CA MET A 68 -10.51 11.39 -1.62
C MET A 68 -11.54 12.45 -2.06
N ALA A 69 -11.15 13.72 -1.97
CA ALA A 69 -11.97 14.84 -2.39
C ALA A 69 -11.53 15.18 -3.81
N GLY A 70 -12.50 15.38 -4.69
CA GLY A 70 -12.23 15.69 -6.09
C GLY A 70 -13.30 15.22 -7.06
N GLN A 71 -12.89 15.02 -8.33
CA GLN A 71 -13.78 14.65 -9.43
C GLN A 71 -13.87 13.14 -9.69
N TYR A 72 -15.12 12.67 -9.75
CA TYR A 72 -15.54 11.29 -9.94
C TYR A 72 -16.41 11.14 -11.17
N SER A 73 -16.13 10.08 -11.96
CA SER A 73 -16.94 9.74 -13.12
C SER A 73 -17.19 8.25 -13.09
N CYS A 74 -18.30 7.81 -13.69
CA CYS A 74 -18.70 6.41 -13.71
C CYS A 74 -18.77 5.81 -15.12
N ILE A 75 -18.30 4.56 -15.28
CA ILE A 75 -18.25 3.86 -16.58
C ILE A 75 -18.62 2.42 -16.36
N TYR A 76 -19.41 1.80 -17.28
CA TYR A 76 -19.77 0.37 -17.12
C TYR A 76 -19.49 -0.48 -18.39
N ARG A 77 -19.27 -1.80 -18.21
CA ARG A 77 -18.95 -2.70 -19.33
C ARG A 77 -20.06 -3.69 -19.72
N VAL A 78 -20.28 -3.85 -21.05
CA VAL A 78 -21.19 -4.83 -21.64
C VAL A 78 -20.40 -5.50 -22.72
N GLY A 79 -19.97 -6.72 -22.43
CA GLY A 79 -19.12 -7.51 -23.31
C GLY A 79 -17.72 -6.97 -23.17
N GLU A 80 -17.26 -6.23 -24.18
CA GLU A 80 -15.96 -5.59 -24.09
C GLU A 80 -16.10 -4.12 -24.41
N LEU A 81 -17.34 -3.67 -24.53
CA LEU A 81 -17.77 -2.30 -24.80
C LEU A 81 -17.85 -1.55 -23.49
N TRP A 82 -17.57 -0.24 -23.51
CA TRP A 82 -17.66 0.63 -22.31
C TRP A 82 -18.61 1.78 -22.56
N SER A 83 -19.52 2.03 -21.62
CA SER A 83 -20.43 3.16 -21.74
C SER A 83 -19.62 4.47 -21.68
N GLU A 84 -20.08 5.54 -22.37
CA GLU A 84 -19.37 6.81 -22.28
C GLU A 84 -19.54 7.35 -20.85
N PRO A 85 -18.52 8.06 -20.28
CA PRO A 85 -18.61 8.47 -18.87
C PRO A 85 -19.89 9.17 -18.44
N SER A 86 -20.24 8.96 -17.17
CA SER A 86 -21.38 9.56 -16.46
C SER A 86 -21.08 11.04 -16.28
N ASN A 87 -21.99 11.77 -15.64
CA ASN A 87 -21.74 13.18 -15.36
C ASN A 87 -20.60 13.26 -14.29
N LEU A 88 -20.01 14.45 -14.11
CA LEU A 88 -18.93 14.56 -13.13
C LEU A 88 -19.52 14.79 -11.77
N LEU A 89 -18.93 14.10 -10.80
CA LEU A 89 -19.28 14.22 -9.40
C LEU A 89 -18.14 14.95 -8.76
N ASP A 90 -18.44 16.08 -8.13
CA ASP A 90 -17.42 16.85 -7.43
C ASP A 90 -17.61 16.57 -5.95
N LEU A 91 -16.82 15.64 -5.42
CA LEU A 91 -16.93 15.29 -3.99
C LEU A 91 -16.10 16.28 -3.20
N VAL A 92 -16.75 17.13 -2.41
CA VAL A 92 -16.05 18.18 -1.63
C VAL A 92 -16.00 17.76 -0.17
N VAL A 93 -14.83 17.88 0.45
CA VAL A 93 -14.71 17.55 1.89
C VAL A 93 -14.80 18.88 2.64
N THR A 94 -15.81 19.02 3.49
CA THR A 94 -15.99 20.28 4.26
C THR A 94 -15.40 20.12 5.66
N GLU A 95 -15.50 21.16 6.48
CA GLU A 95 -15.05 21.15 7.88
C GLU A 95 -13.59 20.86 8.03
N MET A 96 -12.79 21.37 7.11
CA MET A 96 -11.36 21.06 7.12
C MET A 96 -10.59 21.69 8.27
N TYR A 97 -10.36 23.02 8.24
CA TYR A 97 -9.53 23.50 9.32
C TYR A 97 -10.06 24.58 10.25
N ASP A 98 -10.60 25.63 9.63
CA ASP A 98 -10.97 26.86 10.26
C ASP A 98 -12.38 27.24 9.92
N THR A 99 -12.92 28.19 10.66
CA THR A 99 -14.24 28.74 10.39
C THR A 99 -14.06 30.17 9.87
N PRO A 100 -14.62 30.48 8.67
CA PRO A 100 -14.52 31.85 8.16
C PRO A 100 -15.59 32.76 8.80
N THR A 101 -15.41 34.09 8.69
CA THR A 101 -16.38 35.06 9.21
C THR A 101 -17.24 35.56 8.06
N LEU A 102 -18.57 35.63 8.29
CA LEU A 102 -19.51 36.04 7.25
C LEU A 102 -20.29 37.30 7.62
N SER A 103 -19.83 38.42 7.11
CA SER A 103 -20.52 39.70 7.27
C SER A 103 -21.40 39.98 6.05
N VAL A 104 -22.36 40.90 6.18
CA VAL A 104 -23.27 41.25 5.10
C VAL A 104 -23.31 42.78 4.97
N HIS A 105 -23.37 43.27 3.73
CA HIS A 105 -23.40 44.71 3.40
C HIS A 105 -24.66 44.98 2.56
N PRO A 106 -25.56 45.88 2.99
CA PRO A 106 -25.47 46.74 4.18
C PRO A 106 -25.96 46.12 5.50
N GLY A 107 -26.99 45.27 5.47
CA GLY A 107 -27.54 44.64 6.68
C GLY A 107 -28.08 43.24 6.53
N PRO A 108 -28.43 42.57 7.68
CA PRO A 108 -28.91 41.16 7.62
C PRO A 108 -30.23 40.91 6.88
N GLU A 109 -31.12 41.93 6.85
CA GLU A 109 -32.40 41.91 6.16
C GLU A 109 -32.71 43.35 5.75
N VAL A 110 -33.03 43.53 4.46
CA VAL A 110 -33.24 44.85 3.89
C VAL A 110 -34.50 44.93 2.97
N ILE A 111 -34.87 46.17 2.57
CA ILE A 111 -35.95 46.47 1.63
C ILE A 111 -35.50 46.05 0.23
N SER A 112 -36.43 45.49 -0.57
CA SER A 112 -36.14 45.03 -1.93
C SER A 112 -35.56 46.13 -2.85
N GLY A 113 -34.72 45.71 -3.79
CA GLY A 113 -34.08 46.59 -4.75
C GLY A 113 -32.79 47.23 -4.26
N GLU A 114 -32.42 46.97 -2.99
CA GLU A 114 -31.19 47.47 -2.38
C GLU A 114 -30.02 46.63 -2.83
N LYS A 115 -28.87 47.24 -3.06
CA LYS A 115 -27.67 46.53 -3.50
C LYS A 115 -27.03 45.82 -2.28
N VAL A 116 -27.07 44.46 -2.29
CA VAL A 116 -26.51 43.62 -1.22
C VAL A 116 -25.24 42.96 -1.70
N THR A 117 -24.18 43.04 -0.89
CA THR A 117 -22.90 42.40 -1.20
C THR A 117 -22.42 41.67 0.06
N PHE A 118 -22.44 40.34 0.02
CA PHE A 118 -21.99 39.48 1.13
C PHE A 118 -20.48 39.49 1.19
N TYR A 119 -19.92 39.53 2.40
CA TYR A 119 -18.48 39.48 2.56
C TYR A 119 -18.06 38.27 3.37
N CYS A 120 -16.93 37.65 2.99
CA CYS A 120 -16.43 36.47 3.67
C CYS A 120 -14.92 36.50 3.85
N ARG A 121 -14.46 36.48 5.11
CA ARG A 121 -13.05 36.56 5.46
C ARG A 121 -12.58 35.26 6.10
N LEU A 122 -11.30 34.93 5.88
CA LEU A 122 -10.53 33.80 6.42
C LEU A 122 -9.14 33.84 5.81
N ASP A 123 -8.16 34.33 6.59
CA ASP A 123 -6.75 34.33 6.20
C ASP A 123 -6.32 32.88 6.42
N THR A 124 -5.13 32.48 5.97
CA THR A 124 -4.69 31.09 6.13
C THR A 124 -5.63 30.14 5.33
N ALA A 125 -6.07 30.60 4.16
CA ALA A 125 -6.94 29.88 3.24
C ALA A 125 -6.51 30.27 1.84
N THR A 126 -7.20 29.76 0.80
CA THR A 126 -6.90 30.16 -0.57
C THR A 126 -7.66 31.44 -0.90
N SER A 127 -7.50 31.93 -2.15
CA SER A 127 -8.15 33.13 -2.70
C SER A 127 -9.62 32.84 -3.07
N MET A 128 -9.97 31.54 -3.16
CA MET A 128 -11.32 31.06 -3.49
C MET A 128 -12.19 30.79 -2.26
N PHE A 129 -13.42 31.33 -2.29
CA PHE A 129 -14.42 31.24 -1.24
C PHE A 129 -15.75 30.81 -1.86
N LEU A 130 -16.64 30.22 -1.06
CA LEU A 130 -17.94 29.77 -1.54
C LEU A 130 -19.10 30.28 -0.70
N LEU A 131 -20.17 30.74 -1.38
CA LEU A 131 -21.40 31.23 -0.79
C LEU A 131 -22.48 30.23 -1.10
N LEU A 132 -23.21 29.79 -0.06
CA LEU A 132 -24.24 28.78 -0.19
C LEU A 132 -25.60 29.21 0.39
N LYS A 133 -26.69 28.95 -0.36
CA LYS A 133 -28.06 29.24 0.09
C LYS A 133 -28.73 27.93 0.54
N GLU A 134 -28.78 27.73 1.88
CA GLU A 134 -29.37 26.54 2.52
C GLU A 134 -30.78 26.23 2.08
N GLY A 135 -31.05 24.94 1.87
CA GLY A 135 -32.36 24.42 1.48
C GLY A 135 -32.78 24.75 0.06
N ARG A 136 -34.10 25.10 -0.11
CA ARG A 136 -34.78 25.47 -1.36
C ARG A 136 -33.83 26.14 -2.35
N SER A 137 -33.48 25.41 -3.44
CA SER A 137 -32.51 25.77 -4.49
C SER A 137 -31.07 25.95 -3.90
N SER A 138 -30.51 24.84 -3.33
CA SER A 138 -29.17 24.75 -2.72
C SER A 138 -28.04 24.84 -3.76
N HIS A 139 -27.88 26.06 -4.34
CA HIS A 139 -26.85 26.34 -5.35
C HIS A 139 -25.62 26.97 -4.69
N VAL A 140 -24.44 26.77 -5.30
CA VAL A 140 -23.19 27.33 -4.77
C VAL A 140 -22.71 28.46 -5.65
N GLN A 141 -22.26 29.56 -5.03
CA GLN A 141 -21.74 30.75 -5.72
C GLN A 141 -20.28 30.89 -5.30
N ARG A 142 -19.36 30.90 -6.27
CA ARG A 142 -17.91 30.98 -6.09
C ARG A 142 -17.42 32.44 -6.07
N GLY A 143 -16.52 32.74 -5.14
CA GLY A 143 -15.96 34.08 -4.98
C GLY A 143 -14.45 34.11 -4.85
N TYR A 144 -13.84 35.18 -5.38
CA TYR A 144 -12.40 35.36 -5.38
C TYR A 144 -11.99 36.58 -4.58
N GLY A 145 -10.89 36.44 -3.85
CA GLY A 145 -10.38 37.51 -3.00
C GLY A 145 -9.32 37.04 -2.03
N LYS A 146 -8.25 37.80 -1.92
CA LYS A 146 -7.16 37.49 -1.01
C LYS A 146 -7.62 37.86 0.41
N VAL A 147 -7.74 36.87 1.31
CA VAL A 147 -8.13 37.02 2.72
C VAL A 147 -9.65 37.35 2.90
N GLN A 148 -10.21 38.28 2.12
CA GLN A 148 -11.62 38.61 2.19
C GLN A 148 -12.20 38.60 0.79
N ALA A 149 -13.28 37.85 0.63
CA ALA A 149 -13.94 37.74 -0.66
C ALA A 149 -15.28 38.46 -0.66
N GLU A 150 -15.58 39.10 -1.81
CA GLU A 150 -16.80 39.88 -2.08
C GLU A 150 -17.78 39.06 -2.94
N PHE A 151 -19.00 38.85 -2.40
CA PHE A 151 -20.10 38.14 -3.03
C PHE A 151 -21.27 39.12 -3.31
N PRO A 152 -21.20 39.90 -4.41
CA PRO A 152 -22.29 40.85 -4.72
C PRO A 152 -23.53 40.15 -5.25
N LEU A 153 -24.69 40.61 -4.81
CA LEU A 153 -25.99 40.06 -5.19
C LEU A 153 -26.73 41.12 -5.98
N GLY A 154 -26.37 42.39 -5.74
CA GLY A 154 -26.97 43.57 -6.36
C GLY A 154 -28.37 43.84 -5.85
N PRO A 155 -29.25 44.49 -6.67
CA PRO A 155 -30.62 44.75 -6.20
C PRO A 155 -31.37 43.48 -5.81
N VAL A 156 -31.59 43.32 -4.49
CA VAL A 156 -32.25 42.18 -3.85
C VAL A 156 -33.68 41.96 -4.36
N THR A 157 -34.11 40.70 -4.36
CA THR A 157 -35.47 40.30 -4.71
C THR A 157 -35.96 39.33 -3.64
N THR A 158 -37.22 38.83 -3.77
CA THR A 158 -37.83 37.92 -2.80
C THR A 158 -37.18 36.52 -2.81
N ALA A 159 -36.56 36.12 -3.95
CA ALA A 159 -35.85 34.85 -4.08
C ALA A 159 -34.55 34.93 -3.28
N HIS A 160 -33.95 36.14 -3.23
CA HIS A 160 -32.72 36.46 -2.49
C HIS A 160 -32.89 36.32 -0.98
N ARG A 161 -34.05 35.79 -0.55
CA ARG A 161 -34.38 35.48 0.84
C ARG A 161 -33.74 34.13 1.16
N GLY A 162 -33.54 33.88 2.44
CA GLY A 162 -32.96 32.64 2.89
C GLY A 162 -31.80 32.84 3.84
N THR A 163 -31.35 31.72 4.43
CA THR A 163 -30.23 31.65 5.34
C THR A 163 -28.98 31.23 4.52
N TYR A 164 -27.99 32.13 4.50
CA TYR A 164 -26.77 31.96 3.72
C TYR A 164 -25.61 31.53 4.59
N ARG A 165 -24.65 30.79 3.98
CA ARG A 165 -23.45 30.28 4.65
C ARG A 165 -22.22 30.44 3.79
N CYS A 166 -21.08 30.63 4.44
CA CYS A 166 -19.82 30.76 3.72
C CYS A 166 -18.80 29.72 4.10
N PHE A 167 -18.08 29.24 3.08
CA PHE A 167 -16.97 28.32 3.15
C PHE A 167 -15.75 28.98 2.54
N GLY A 168 -14.61 28.74 3.17
CA GLY A 168 -13.32 29.11 2.64
C GLY A 168 -12.81 27.82 2.02
N SER A 169 -11.72 27.85 1.24
CA SER A 169 -11.21 26.62 0.62
C SER A 169 -9.70 26.48 0.75
N TYR A 170 -9.22 25.24 0.76
CA TYR A 170 -7.79 24.89 0.85
C TYR A 170 -7.33 24.29 -0.46
N ASN A 171 -8.30 24.12 -1.37
CA ASN A 171 -8.31 23.69 -2.78
C ASN A 171 -9.78 23.59 -3.21
N ASN A 172 -10.05 23.52 -4.51
CA ASN A 172 -11.40 23.48 -5.09
C ASN A 172 -12.36 22.44 -4.48
N HIS A 173 -11.80 21.41 -3.81
CA HIS A 173 -12.54 20.28 -3.26
C HIS A 173 -12.37 20.07 -1.75
N ALA A 174 -11.55 20.90 -1.10
CA ALA A 174 -11.37 20.81 0.34
C ALA A 174 -11.70 22.16 0.92
N TRP A 175 -12.96 22.29 1.35
CA TRP A 175 -13.46 23.54 1.92
C TRP A 175 -13.38 23.49 3.40
N SER A 176 -13.34 24.68 4.01
CA SER A 176 -13.28 24.85 5.46
C SER A 176 -14.65 24.52 6.12
N PHE A 177 -14.75 24.77 7.41
CA PHE A 177 -15.99 24.60 8.15
C PHE A 177 -17.00 25.66 7.66
N PRO A 178 -18.33 25.43 7.81
CA PRO A 178 -19.29 26.47 7.41
C PRO A 178 -19.23 27.65 8.39
N SER A 179 -19.44 28.87 7.87
CA SER A 179 -19.43 30.10 8.68
C SER A 179 -20.78 30.24 9.35
N GLU A 180 -20.86 31.02 10.43
CA GLU A 180 -22.12 31.22 11.12
C GLU A 180 -23.21 31.79 10.17
N PRO A 181 -24.44 31.22 10.18
CA PRO A 181 -25.50 31.65 9.24
C PRO A 181 -25.98 33.12 9.27
N VAL A 182 -26.56 33.59 8.12
CA VAL A 182 -27.15 34.93 7.91
C VAL A 182 -28.57 34.81 7.29
N ASP B 1 -7.42 -13.64 -10.08
CA ASP B 1 -7.02 -14.09 -11.42
C ASP B 1 -7.75 -15.42 -11.80
N ILE B 2 -8.74 -15.37 -12.73
CA ILE B 2 -9.54 -16.53 -13.12
C ILE B 2 -8.77 -17.48 -13.99
N GLN B 3 -8.75 -18.77 -13.62
CA GLN B 3 -8.05 -19.79 -14.38
C GLN B 3 -9.02 -20.62 -15.17
N MET B 4 -8.82 -20.66 -16.50
CA MET B 4 -9.68 -21.42 -17.43
C MET B 4 -9.02 -22.77 -17.70
N THR B 5 -9.75 -23.85 -17.39
CA THR B 5 -9.19 -25.17 -17.63
C THR B 5 -10.04 -25.85 -18.68
N GLN B 6 -9.46 -25.94 -19.89
CA GLN B 6 -10.07 -26.52 -21.07
C GLN B 6 -9.63 -27.98 -21.22
N SER B 7 -10.58 -28.90 -21.42
CA SER B 7 -10.35 -30.34 -21.50
C SER B 7 -11.10 -31.01 -22.65
N PRO B 8 -10.48 -31.95 -23.40
CA PRO B 8 -9.08 -32.43 -23.31
C PRO B 8 -8.08 -31.51 -24.01
N SER B 9 -6.76 -31.77 -23.81
CA SER B 9 -5.70 -30.99 -24.46
C SER B 9 -5.76 -31.14 -25.96
N SER B 10 -6.10 -32.37 -26.42
CA SER B 10 -6.27 -32.75 -27.83
C SER B 10 -7.34 -33.81 -27.95
N LEU B 11 -7.85 -34.04 -29.16
CA LEU B 11 -8.79 -35.11 -29.46
C LEU B 11 -8.79 -35.47 -30.92
N SER B 12 -8.96 -36.78 -31.23
CA SER B 12 -8.98 -37.25 -32.60
C SER B 12 -10.31 -37.87 -32.95
N ALA B 13 -10.97 -37.32 -33.97
CA ALA B 13 -12.26 -37.80 -34.41
C ALA B 13 -12.34 -37.86 -35.91
N SER B 14 -13.13 -38.83 -36.40
CA SER B 14 -13.42 -39.07 -37.80
C SER B 14 -14.42 -38.00 -38.30
N VAL B 15 -14.54 -37.80 -39.62
CA VAL B 15 -15.51 -36.85 -40.14
C VAL B 15 -16.92 -37.36 -39.88
N GLY B 16 -17.79 -36.45 -39.48
CA GLY B 16 -19.17 -36.71 -39.12
C GLY B 16 -19.31 -37.17 -37.68
N ASP B 17 -18.39 -36.78 -36.80
CA ASP B 17 -18.39 -37.18 -35.39
C ASP B 17 -18.84 -36.06 -34.45
N ARG B 18 -19.50 -36.44 -33.34
CA ARG B 18 -19.89 -35.47 -32.32
C ARG B 18 -18.66 -35.26 -31.46
N VAL B 19 -18.28 -33.99 -31.27
CA VAL B 19 -17.12 -33.59 -30.47
C VAL B 19 -17.60 -32.68 -29.33
N THR B 20 -17.12 -32.92 -28.12
CA THR B 20 -17.45 -32.08 -26.98
C THR B 20 -16.20 -31.62 -26.24
N ILE B 21 -15.96 -30.30 -26.20
CA ILE B 21 -14.83 -29.70 -25.49
C ILE B 21 -15.41 -29.10 -24.19
N THR B 22 -14.70 -29.32 -23.07
CA THR B 22 -15.07 -28.81 -21.77
C THR B 22 -14.21 -27.64 -21.41
N CYS B 23 -14.76 -26.68 -20.66
CA CYS B 23 -14.11 -25.49 -20.16
C CYS B 23 -14.67 -25.20 -18.76
N ARG B 24 -13.79 -25.12 -17.77
CA ARG B 24 -14.14 -24.89 -16.37
C ARG B 24 -13.38 -23.64 -15.83
N ALA B 25 -14.14 -22.66 -15.30
CA ALA B 25 -13.60 -21.42 -14.76
C ALA B 25 -13.42 -21.54 -13.25
N SER B 26 -12.40 -20.87 -12.67
CA SER B 26 -12.15 -20.95 -11.23
C SER B 26 -13.28 -20.27 -10.41
N GLU B 27 -13.86 -19.25 -11.00
CA GLU B 27 -14.90 -18.43 -10.39
C GLU B 27 -16.11 -18.45 -11.30
N ASN B 28 -17.27 -18.07 -10.76
CA ASN B 28 -18.50 -17.94 -11.52
C ASN B 28 -18.34 -16.68 -12.35
N ILE B 29 -18.42 -16.90 -13.65
CA ILE B 29 -18.43 -15.93 -14.75
C ILE B 29 -19.92 -16.01 -15.11
N TYR B 30 -20.58 -14.92 -15.28
CA TYR B 30 -22.02 -15.02 -15.42
C TYR B 30 -22.41 -15.02 -16.88
N SER B 31 -21.89 -16.05 -17.60
CA SER B 31 -22.01 -16.38 -19.01
C SER B 31 -21.06 -15.59 -19.89
N ASN B 32 -20.16 -14.81 -19.26
CA ASN B 32 -19.15 -14.01 -19.98
C ASN B 32 -18.01 -14.90 -20.53
N LEU B 33 -18.36 -15.79 -21.47
CA LEU B 33 -17.48 -16.76 -22.07
C LEU B 33 -17.57 -16.73 -23.57
N ALA B 34 -16.41 -16.78 -24.24
CA ALA B 34 -16.31 -16.85 -25.68
C ALA B 34 -15.49 -18.08 -26.10
N TRP B 35 -15.70 -18.57 -27.34
CA TRP B 35 -15.01 -19.71 -27.95
C TRP B 35 -14.40 -19.30 -29.27
N PHE B 36 -13.15 -19.70 -29.52
CA PHE B 36 -12.42 -19.35 -30.74
C PHE B 36 -11.93 -20.58 -31.45
N GLN B 37 -11.92 -20.52 -32.78
CA GLN B 37 -11.37 -21.55 -33.63
C GLN B 37 -10.10 -20.96 -34.24
N GLN B 38 -8.95 -21.64 -34.06
CA GLN B 38 -7.70 -21.14 -34.63
C GLN B 38 -7.12 -22.19 -35.58
N LYS B 39 -7.05 -21.87 -36.87
CA LYS B 39 -6.52 -22.87 -37.81
C LYS B 39 -4.98 -22.70 -37.91
N PRO B 40 -4.22 -23.72 -38.33
CA PRO B 40 -2.74 -23.57 -38.39
C PRO B 40 -2.32 -22.37 -39.20
N GLY B 41 -1.50 -21.51 -38.59
CA GLY B 41 -0.96 -20.30 -39.19
C GLY B 41 -1.78 -19.05 -38.91
N LYS B 42 -3.09 -19.12 -39.22
CA LYS B 42 -4.04 -18.02 -39.08
C LYS B 42 -4.29 -17.52 -37.63
N ALA B 43 -5.00 -16.39 -37.50
CA ALA B 43 -5.37 -15.78 -36.22
C ALA B 43 -6.67 -16.39 -35.72
N PRO B 44 -6.93 -16.40 -34.40
CA PRO B 44 -8.21 -16.94 -33.92
C PRO B 44 -9.41 -16.21 -34.52
N LYS B 45 -10.51 -16.97 -34.76
CA LYS B 45 -11.79 -16.48 -35.28
C LYS B 45 -12.82 -16.72 -34.17
N LEU B 46 -13.68 -15.72 -33.87
CA LEU B 46 -14.73 -15.87 -32.84
C LEU B 46 -15.79 -16.83 -33.35
N LEU B 47 -16.08 -17.84 -32.54
CA LEU B 47 -17.09 -18.86 -32.83
C LEU B 47 -18.35 -18.62 -32.02
N VAL B 48 -18.21 -18.61 -30.69
CA VAL B 48 -19.33 -18.48 -29.77
C VAL B 48 -19.05 -17.33 -28.80
N TYR B 49 -20.00 -16.43 -28.61
CA TYR B 49 -19.90 -15.33 -27.65
C TYR B 49 -21.03 -15.48 -26.61
N ALA B 50 -20.87 -14.87 -25.42
CA ALA B 50 -21.83 -14.95 -24.30
C ALA B 50 -22.36 -16.38 -24.08
N ALA B 51 -21.43 -17.34 -23.90
CA ALA B 51 -21.60 -18.77 -23.62
C ALA B 51 -22.26 -19.60 -24.73
N THR B 52 -23.42 -19.16 -25.21
CA THR B 52 -24.28 -19.90 -26.12
C THR B 52 -24.52 -19.27 -27.49
N ASN B 53 -24.25 -17.98 -27.65
CA ASN B 53 -24.51 -17.28 -28.91
C ASN B 53 -23.48 -17.55 -30.06
N LEU B 54 -23.94 -17.99 -31.25
CA LEU B 54 -23.01 -18.20 -32.40
C LEU B 54 -22.65 -16.88 -33.09
N ALA B 55 -21.38 -16.72 -33.52
CA ALA B 55 -20.94 -15.51 -34.23
C ALA B 55 -21.37 -15.57 -35.69
N ASP B 56 -21.78 -14.42 -36.27
CA ASP B 56 -22.21 -14.33 -37.67
C ASP B 56 -21.19 -14.98 -38.64
N GLY B 57 -21.63 -16.03 -39.34
CA GLY B 57 -20.82 -16.80 -40.27
C GLY B 57 -20.60 -18.23 -39.82
N VAL B 58 -20.52 -18.44 -38.48
CA VAL B 58 -20.32 -19.73 -37.80
C VAL B 58 -21.48 -20.70 -38.11
N PRO B 59 -21.21 -21.93 -38.65
CA PRO B 59 -22.31 -22.84 -39.00
C PRO B 59 -23.08 -23.47 -37.86
N SER B 60 -24.35 -23.81 -38.14
CA SER B 60 -25.36 -24.44 -37.26
C SER B 60 -24.82 -25.54 -36.34
N ARG B 61 -23.89 -26.39 -36.87
CA ARG B 61 -23.23 -27.53 -36.20
C ARG B 61 -22.40 -27.16 -34.93
N PHE B 62 -22.09 -25.85 -34.73
CA PHE B 62 -21.38 -25.39 -33.55
C PHE B 62 -22.42 -24.94 -32.53
N SER B 63 -22.23 -25.33 -31.23
CA SER B 63 -23.14 -25.02 -30.13
C SER B 63 -22.45 -24.62 -28.81
N GLY B 64 -22.87 -23.51 -28.22
CA GLY B 64 -22.33 -23.06 -26.94
C GLY B 64 -23.28 -23.37 -25.80
N SER B 65 -22.76 -23.74 -24.60
CA SER B 65 -23.62 -24.09 -23.44
C SER B 65 -22.94 -23.85 -22.08
N GLY B 66 -23.74 -23.73 -21.01
CA GLY B 66 -23.23 -23.50 -19.65
C GLY B 66 -23.77 -22.28 -18.92
N SER B 67 -23.55 -22.22 -17.59
CA SER B 67 -24.15 -21.12 -16.82
C SER B 67 -23.22 -20.35 -15.81
N GLY B 68 -22.11 -20.96 -15.45
CA GLY B 68 -21.17 -20.38 -14.47
C GLY B 68 -20.23 -21.48 -14.07
N THR B 69 -18.93 -21.23 -14.23
CA THR B 69 -17.81 -22.16 -14.04
C THR B 69 -17.80 -23.28 -15.08
N ASP B 70 -18.91 -24.05 -15.29
CA ASP B 70 -18.98 -25.16 -16.26
C ASP B 70 -19.58 -24.79 -17.62
N TYR B 71 -18.79 -24.91 -18.70
CA TYR B 71 -19.18 -24.61 -20.08
C TYR B 71 -18.63 -25.65 -21.05
N THR B 72 -19.41 -26.03 -22.10
CA THR B 72 -18.97 -26.97 -23.13
C THR B 72 -19.26 -26.44 -24.55
N LEU B 73 -18.29 -26.59 -25.48
CA LEU B 73 -18.50 -26.30 -26.91
C LEU B 73 -18.63 -27.65 -27.53
N THR B 74 -19.67 -27.86 -28.36
CA THR B 74 -19.84 -29.14 -29.05
C THR B 74 -20.03 -28.96 -30.56
N ILE B 75 -19.46 -29.88 -31.35
CA ILE B 75 -19.65 -29.94 -32.80
C ILE B 75 -20.47 -31.22 -33.07
N SER B 76 -21.69 -31.08 -33.61
CA SER B 76 -22.60 -32.19 -33.87
C SER B 76 -22.04 -33.27 -34.83
N SER B 77 -21.44 -32.83 -35.97
CA SER B 77 -20.79 -33.73 -36.94
C SER B 77 -19.65 -32.97 -37.53
N LEU B 78 -18.47 -33.40 -37.12
CA LEU B 78 -17.18 -32.85 -37.48
C LEU B 78 -16.97 -32.87 -39.01
N GLN B 79 -16.70 -31.72 -39.63
CA GLN B 79 -16.48 -31.61 -41.09
C GLN B 79 -14.99 -31.47 -41.34
N PRO B 80 -14.47 -31.62 -42.59
CA PRO B 80 -13.01 -31.44 -42.80
C PRO B 80 -12.47 -30.08 -42.35
N GLU B 81 -13.21 -29.00 -42.62
CA GLU B 81 -12.85 -27.61 -42.25
C GLU B 81 -12.72 -27.36 -40.75
N ASP B 82 -13.43 -28.12 -39.91
CA ASP B 82 -13.45 -27.95 -38.46
C ASP B 82 -12.20 -28.43 -37.73
N PHE B 83 -11.23 -29.02 -38.43
CA PHE B 83 -10.03 -29.46 -37.74
C PHE B 83 -9.15 -28.23 -37.44
N ALA B 84 -9.10 -27.85 -36.14
CA ALA B 84 -8.38 -26.67 -35.65
C ALA B 84 -8.16 -26.78 -34.16
N THR B 85 -7.59 -25.72 -33.55
CA THR B 85 -7.32 -25.57 -32.11
C THR B 85 -8.42 -24.66 -31.56
N TYR B 86 -9.18 -25.16 -30.60
CA TYR B 86 -10.27 -24.38 -30.01
C TYR B 86 -9.92 -23.83 -28.64
N TYR B 87 -10.36 -22.59 -28.32
CA TYR B 87 -10.05 -21.92 -27.07
C TYR B 87 -11.28 -21.30 -26.52
N CYS B 88 -11.46 -21.35 -25.21
CA CYS B 88 -12.52 -20.64 -24.49
C CYS B 88 -11.86 -19.43 -23.82
N GLN B 89 -12.62 -18.36 -23.56
CA GLN B 89 -12.07 -17.17 -22.91
C GLN B 89 -13.12 -16.58 -22.04
N HIS B 90 -12.73 -16.00 -20.90
CA HIS B 90 -13.68 -15.30 -19.99
C HIS B 90 -13.51 -13.78 -20.14
N PHE B 91 -14.58 -13.05 -19.91
CA PHE B 91 -14.55 -11.60 -19.92
C PHE B 91 -15.41 -11.07 -18.79
N TRP B 92 -15.46 -11.80 -17.67
CA TRP B 92 -16.11 -11.41 -16.44
C TRP B 92 -15.18 -10.43 -15.66
N GLY B 93 -13.95 -10.85 -15.37
CA GLY B 93 -13.01 -10.04 -14.61
C GLY B 93 -11.63 -9.93 -15.22
N THR B 94 -10.93 -8.84 -14.93
CA THR B 94 -9.59 -8.54 -15.42
C THR B 94 -8.55 -9.35 -14.62
N PRO B 95 -7.53 -9.95 -15.25
CA PRO B 95 -7.23 -9.95 -16.70
C PRO B 95 -8.06 -10.99 -17.45
N ARG B 96 -8.31 -10.79 -18.75
CA ARG B 96 -9.02 -11.78 -19.57
C ARG B 96 -8.11 -12.98 -19.67
N THR B 97 -8.69 -14.14 -19.45
CA THR B 97 -7.95 -15.38 -19.43
C THR B 97 -8.52 -16.29 -20.48
N PHE B 98 -7.63 -17.02 -21.15
CA PHE B 98 -7.98 -18.01 -22.16
C PHE B 98 -7.76 -19.45 -21.61
N GLY B 99 -8.46 -20.42 -22.16
CA GLY B 99 -8.25 -21.84 -21.86
C GLY B 99 -7.01 -22.30 -22.60
N GLY B 100 -6.41 -23.39 -22.12
CA GLY B 100 -5.18 -23.98 -22.66
C GLY B 100 -5.19 -24.38 -24.13
N GLY B 101 -6.38 -24.55 -24.68
CA GLY B 101 -6.55 -24.94 -26.08
C GLY B 101 -6.82 -26.42 -26.25
N THR B 102 -7.61 -26.79 -27.32
CA THR B 102 -7.98 -28.15 -27.74
C THR B 102 -7.70 -28.42 -29.24
N LYS B 103 -6.68 -29.25 -29.52
CA LYS B 103 -6.34 -29.62 -30.89
C LYS B 103 -7.21 -30.74 -31.39
N VAL B 104 -8.16 -30.38 -32.23
CA VAL B 104 -9.08 -31.32 -32.86
C VAL B 104 -8.38 -31.80 -34.12
N GLU B 105 -8.06 -33.11 -34.13
CA GLU B 105 -7.32 -33.78 -35.17
C GLU B 105 -8.16 -34.85 -35.83
N ILE B 106 -7.78 -35.31 -37.05
CA ILE B 106 -8.51 -36.37 -37.78
C ILE B 106 -8.10 -37.78 -37.27
N LYS B 107 -9.09 -38.63 -36.99
CA LYS B 107 -8.78 -40.01 -36.59
C LYS B 107 -8.61 -40.88 -37.81
N ARG B 108 -7.57 -41.69 -37.77
CA ARG B 108 -7.25 -42.61 -38.85
C ARG B 108 -6.80 -43.94 -38.29
N THR B 109 -6.43 -44.87 -39.16
CA THR B 109 -5.96 -46.18 -38.73
C THR B 109 -4.50 -46.08 -38.38
N VAL B 110 -4.07 -46.92 -37.44
CA VAL B 110 -2.68 -46.92 -37.02
C VAL B 110 -1.81 -47.33 -38.19
N ALA B 111 -0.85 -46.47 -38.53
CA ALA B 111 0.10 -46.75 -39.58
C ALA B 111 1.47 -46.55 -39.04
N ALA B 112 2.31 -47.57 -39.17
CA ALA B 112 3.70 -47.53 -38.71
C ALA B 112 4.51 -46.55 -39.59
N PRO B 113 5.54 -45.89 -39.02
CA PRO B 113 6.34 -44.99 -39.85
C PRO B 113 7.35 -45.76 -40.71
N SER B 114 7.66 -45.17 -41.87
CA SER B 114 8.70 -45.62 -42.79
C SER B 114 9.90 -44.84 -42.26
N VAL B 115 10.91 -45.57 -41.75
CA VAL B 115 12.10 -44.92 -41.19
C VAL B 115 13.17 -44.81 -42.26
N PHE B 116 13.82 -43.65 -42.33
CA PHE B 116 14.90 -43.33 -43.29
C PHE B 116 15.99 -42.55 -42.58
N ILE B 117 17.25 -42.88 -42.86
CA ILE B 117 18.36 -42.17 -42.24
C ILE B 117 19.19 -41.45 -43.30
N PHE B 118 19.63 -40.22 -42.99
CA PHE B 118 20.42 -39.40 -43.90
C PHE B 118 21.71 -39.01 -43.22
N PRO B 119 22.87 -39.42 -43.76
CA PRO B 119 24.15 -39.05 -43.16
C PRO B 119 24.49 -37.59 -43.42
N PRO B 120 25.44 -36.98 -42.68
CA PRO B 120 25.81 -35.58 -42.96
C PRO B 120 26.31 -35.38 -44.39
N SER B 121 25.76 -34.38 -45.06
CA SER B 121 26.11 -33.98 -46.43
C SER B 121 27.59 -33.56 -46.51
N ASP B 122 28.24 -33.78 -47.66
CA ASP B 122 29.65 -33.39 -47.82
C ASP B 122 29.83 -31.89 -47.76
N GLU B 123 28.80 -31.13 -48.17
CA GLU B 123 28.77 -29.65 -48.15
C GLU B 123 28.79 -29.17 -46.69
N GLN B 124 27.93 -29.78 -45.83
CA GLN B 124 27.87 -29.45 -44.41
C GLN B 124 29.18 -29.82 -43.73
N LEU B 125 29.72 -31.01 -44.06
CA LEU B 125 30.98 -31.46 -43.49
C LEU B 125 32.08 -30.46 -43.82
N LYS B 126 31.96 -29.82 -45.01
CA LYS B 126 32.86 -28.79 -45.52
C LYS B 126 32.73 -27.52 -44.68
N SER B 127 31.63 -27.36 -43.94
CA SER B 127 31.41 -26.21 -43.07
C SER B 127 31.65 -26.51 -41.55
N GLY B 128 32.31 -27.65 -41.24
CA GLY B 128 32.73 -28.06 -39.90
C GLY B 128 31.68 -28.56 -38.93
N THR B 129 30.44 -28.52 -39.39
CA THR B 129 29.29 -28.98 -38.64
C THR B 129 28.80 -30.28 -39.28
N ALA B 130 28.06 -31.10 -38.52
CA ALA B 130 27.53 -32.38 -39.00
C ALA B 130 26.19 -32.69 -38.36
N SER B 131 25.18 -32.96 -39.19
CA SER B 131 23.85 -33.32 -38.70
C SER B 131 23.31 -34.54 -39.42
N VAL B 132 22.99 -35.58 -38.64
CA VAL B 132 22.40 -36.82 -39.13
C VAL B 132 20.88 -36.70 -38.96
N VAL B 133 20.11 -37.01 -40.02
CA VAL B 133 18.66 -36.87 -39.99
C VAL B 133 17.95 -38.23 -40.01
N CYS B 134 17.04 -38.42 -39.05
CA CYS B 134 16.21 -39.62 -38.92
C CYS B 134 14.78 -39.21 -39.25
N LEU B 135 14.29 -39.66 -40.40
CA LEU B 135 12.95 -39.35 -40.85
C LEU B 135 12.01 -40.55 -40.68
N LEU B 136 10.90 -40.34 -39.95
CA LEU B 136 9.81 -41.30 -39.71
C LEU B 136 8.72 -40.72 -40.57
N ASN B 137 8.36 -41.42 -41.62
CA ASN B 137 7.44 -40.82 -42.58
C ASN B 137 6.08 -41.54 -42.70
N ASN B 138 5.01 -40.72 -42.71
CA ASN B 138 3.60 -41.04 -42.85
C ASN B 138 3.12 -42.09 -41.84
N PHE B 139 2.92 -41.63 -40.61
CA PHE B 139 2.48 -42.48 -39.50
C PHE B 139 1.34 -41.87 -38.72
N TYR B 140 0.72 -42.70 -37.91
CA TYR B 140 -0.39 -42.34 -37.04
C TYR B 140 -0.55 -43.40 -35.95
N PRO B 141 -0.79 -43.03 -34.66
CA PRO B 141 -0.86 -41.65 -34.11
C PRO B 141 0.51 -40.96 -34.05
N ARG B 142 0.48 -39.65 -33.73
CA ARG B 142 1.63 -38.74 -33.65
C ARG B 142 2.72 -39.25 -32.68
N GLU B 143 2.29 -39.86 -31.56
CA GLU B 143 3.16 -40.39 -30.53
C GLU B 143 4.12 -41.42 -31.10
N ALA B 144 5.43 -41.12 -30.93
CA ALA B 144 6.61 -41.91 -31.36
C ALA B 144 7.84 -41.55 -30.54
N LYS B 145 8.65 -42.56 -30.19
CA LYS B 145 9.91 -42.36 -29.45
C LYS B 145 11.06 -42.80 -30.34
N VAL B 146 11.92 -41.85 -30.70
CA VAL B 146 13.11 -42.07 -31.51
C VAL B 146 14.34 -41.81 -30.66
N GLN B 147 15.19 -42.84 -30.49
CA GLN B 147 16.44 -42.72 -29.74
C GLN B 147 17.62 -42.76 -30.68
N TRP B 148 18.69 -42.08 -30.31
CA TRP B 148 19.91 -42.01 -31.14
C TRP B 148 21.04 -42.72 -30.40
N LYS B 149 21.73 -43.63 -31.09
CA LYS B 149 22.85 -44.38 -30.45
C LYS B 149 24.08 -44.28 -31.34
N VAL B 150 25.18 -43.76 -30.81
CA VAL B 150 26.41 -43.67 -31.64
C VAL B 150 27.31 -44.84 -31.24
N ASP B 151 27.55 -45.75 -32.18
CA ASP B 151 28.40 -46.96 -31.93
C ASP B 151 27.90 -47.69 -30.68
N ASN B 152 26.57 -47.91 -30.59
CA ASN B 152 25.86 -48.60 -29.48
C ASN B 152 25.80 -47.77 -28.19
N ALA B 153 26.23 -46.52 -28.20
CA ALA B 153 26.18 -45.69 -26.98
C ALA B 153 24.95 -44.81 -27.10
N LEU B 154 23.99 -44.96 -26.19
CA LEU B 154 22.76 -44.12 -26.24
C LEU B 154 23.12 -42.65 -26.06
N GLN B 155 22.44 -41.77 -26.78
CA GLN B 155 22.72 -40.32 -26.69
C GLN B 155 21.56 -39.57 -26.03
N SER B 156 21.84 -38.39 -25.48
CA SER B 156 20.80 -37.54 -24.88
C SER B 156 21.11 -36.05 -24.99
N GLY B 157 20.06 -35.29 -25.33
CA GLY B 157 20.09 -33.84 -25.53
C GLY B 157 20.65 -33.38 -26.85
N ASN B 158 21.71 -34.05 -27.37
CA ASN B 158 22.39 -33.69 -28.62
C ASN B 158 21.49 -33.74 -29.88
N SER B 159 20.23 -34.21 -29.71
CA SER B 159 19.25 -34.27 -30.80
C SER B 159 17.95 -33.53 -30.48
N GLN B 160 17.32 -32.99 -31.54
CA GLN B 160 16.07 -32.24 -31.52
C GLN B 160 15.04 -32.83 -32.50
N GLU B 161 13.80 -33.06 -32.02
CA GLU B 161 12.71 -33.61 -32.84
C GLU B 161 11.85 -32.49 -33.39
N SER B 162 11.11 -32.77 -34.47
CA SER B 162 10.17 -31.87 -35.11
C SER B 162 9.12 -32.68 -35.86
N VAL B 163 7.85 -32.45 -35.58
CA VAL B 163 6.77 -33.20 -36.20
C VAL B 163 5.90 -32.25 -37.05
N THR B 164 5.44 -32.74 -38.22
CA THR B 164 4.58 -32.02 -39.17
C THR B 164 3.14 -32.00 -38.69
N GLU B 165 2.36 -31.01 -39.17
CA GLU B 165 0.94 -30.94 -38.88
C GLU B 165 0.31 -32.03 -39.74
N GLN B 166 -0.77 -32.66 -39.23
CA GLN B 166 -1.47 -33.76 -39.90
C GLN B 166 -1.76 -33.46 -41.37
N ASP B 167 -1.34 -34.36 -42.25
CA ASP B 167 -1.52 -34.26 -43.68
C ASP B 167 -2.98 -34.22 -44.04
N SER B 168 -3.34 -33.31 -44.93
CA SER B 168 -4.69 -33.19 -45.46
C SER B 168 -5.01 -34.40 -46.34
N LYS B 169 -4.00 -34.90 -47.11
CA LYS B 169 -4.11 -36.01 -48.09
C LYS B 169 -4.50 -37.39 -47.47
N ASP B 170 -3.73 -37.88 -46.48
CA ASP B 170 -3.89 -39.21 -45.86
C ASP B 170 -3.96 -39.19 -44.33
N SER B 171 -4.21 -38.02 -43.72
CA SER B 171 -4.36 -37.83 -42.27
C SER B 171 -3.19 -38.40 -41.41
N THR B 172 -1.94 -38.31 -41.91
CA THR B 172 -0.79 -38.81 -41.17
C THR B 172 0.17 -37.69 -40.68
N TYR B 173 1.11 -38.08 -39.83
CA TYR B 173 2.15 -37.22 -39.34
C TYR B 173 3.50 -37.75 -39.86
N SER B 174 4.49 -36.87 -40.00
CA SER B 174 5.85 -37.22 -40.35
C SER B 174 6.76 -36.54 -39.32
N LEU B 175 7.84 -37.20 -38.93
CA LEU B 175 8.69 -36.67 -37.88
C LEU B 175 10.14 -36.76 -38.27
N SER B 176 10.89 -35.69 -37.95
CA SER B 176 12.32 -35.61 -38.20
C SER B 176 13.04 -35.55 -36.87
N SER B 177 14.14 -36.29 -36.77
CA SER B 177 15.00 -36.24 -35.59
C SER B 177 16.41 -35.93 -36.09
N THR B 178 16.93 -34.76 -35.72
CA THR B 178 18.25 -34.32 -36.15
C THR B 178 19.25 -34.41 -35.02
N LEU B 179 20.27 -35.26 -35.20
CA LEU B 179 21.38 -35.44 -34.28
C LEU B 179 22.48 -34.47 -34.74
N THR B 180 22.78 -33.46 -33.92
CA THR B 180 23.78 -32.46 -34.26
C THR B 180 25.09 -32.69 -33.49
N LEU B 181 26.15 -32.93 -34.26
CA LEU B 181 27.51 -33.13 -33.77
C LEU B 181 28.47 -32.25 -34.56
N SER B 182 29.67 -32.06 -34.03
CA SER B 182 30.69 -31.32 -34.75
C SER B 182 31.37 -32.29 -35.70
N LYS B 183 32.04 -31.76 -36.77
CA LYS B 183 32.81 -32.54 -37.75
C LYS B 183 33.75 -33.48 -36.98
N ALA B 184 34.46 -32.93 -35.98
CA ALA B 184 35.40 -33.61 -35.08
C ALA B 184 34.76 -34.79 -34.31
N ASP B 185 33.55 -34.57 -33.75
CA ASP B 185 32.79 -35.57 -32.99
C ASP B 185 32.28 -36.66 -33.90
N TYR B 186 31.90 -36.26 -35.13
CA TYR B 186 31.35 -37.16 -36.12
C TYR B 186 32.44 -38.06 -36.68
N GLU B 187 33.56 -37.47 -37.11
CA GLU B 187 34.68 -38.21 -37.68
C GLU B 187 35.37 -39.16 -36.70
N LYS B 188 35.11 -38.99 -35.40
CA LYS B 188 35.66 -39.80 -34.32
C LYS B 188 35.04 -41.23 -34.24
N HIS B 189 33.72 -41.39 -34.62
CA HIS B 189 32.95 -42.66 -34.56
C HIS B 189 32.42 -43.18 -35.90
N LYS B 190 32.02 -44.47 -35.98
CA LYS B 190 31.60 -45.05 -37.27
C LYS B 190 30.13 -45.39 -37.42
N VAL B 191 29.51 -46.12 -36.46
CA VAL B 191 28.10 -46.51 -36.65
C VAL B 191 27.13 -45.50 -35.99
N TYR B 192 26.14 -45.02 -36.75
CA TYR B 192 25.17 -44.00 -36.35
C TYR B 192 23.78 -44.55 -36.63
N ALA B 193 22.98 -44.77 -35.56
CA ALA B 193 21.63 -45.33 -35.69
C ALA B 193 20.51 -44.63 -34.91
N CYS B 194 19.30 -44.64 -35.46
CA CYS B 194 18.13 -44.13 -34.78
C CYS B 194 17.14 -45.25 -34.61
N GLU B 195 16.75 -45.50 -33.38
CA GLU B 195 15.85 -46.57 -32.97
C GLU B 195 14.46 -46.00 -32.73
N VAL B 196 13.49 -46.49 -33.51
CA VAL B 196 12.11 -46.03 -33.51
C VAL B 196 11.14 -46.98 -32.82
N THR B 197 10.32 -46.42 -31.92
CA THR B 197 9.23 -47.09 -31.21
C THR B 197 7.91 -46.37 -31.51
N HIS B 198 6.93 -47.14 -31.98
CA HIS B 198 5.60 -46.65 -32.36
C HIS B 198 4.60 -47.77 -32.20
N GLN B 199 3.35 -47.40 -31.92
CA GLN B 199 2.19 -48.28 -31.75
C GLN B 199 2.08 -49.31 -32.89
N GLY B 200 2.20 -48.84 -34.14
CA GLY B 200 2.12 -49.67 -35.34
C GLY B 200 3.30 -50.59 -35.59
N LEU B 201 4.30 -50.55 -34.70
CA LEU B 201 5.50 -51.37 -34.79
C LEU B 201 5.49 -52.40 -33.71
N SER B 202 5.55 -53.67 -34.12
CA SER B 202 5.57 -54.83 -33.24
C SER B 202 6.89 -54.86 -32.46
N SER B 203 7.99 -54.50 -33.13
CA SER B 203 9.34 -54.45 -32.55
C SER B 203 9.95 -53.08 -32.91
N PRO B 204 10.90 -52.50 -32.13
CA PRO B 204 11.47 -51.22 -32.54
C PRO B 204 12.41 -51.37 -33.73
N VAL B 205 12.29 -50.44 -34.70
CA VAL B 205 13.07 -50.41 -35.93
C VAL B 205 14.39 -49.67 -35.67
N THR B 206 15.53 -50.23 -36.12
CA THR B 206 16.82 -49.57 -35.92
C THR B 206 17.49 -49.26 -37.27
N LYS B 207 17.28 -48.05 -37.79
CA LYS B 207 17.86 -47.59 -39.05
C LYS B 207 19.28 -47.03 -38.77
N SER B 208 20.33 -47.62 -39.35
CA SER B 208 21.73 -47.22 -39.15
C SER B 208 22.57 -47.12 -40.42
N PHE B 209 23.79 -46.58 -40.28
CA PHE B 209 24.77 -46.42 -41.34
C PHE B 209 26.16 -46.33 -40.78
N ASN B 210 27.17 -46.53 -41.63
CA ASN B 210 28.59 -46.42 -41.28
C ASN B 210 29.23 -45.27 -42.05
N ARG B 211 30.11 -44.49 -41.37
CA ARG B 211 30.87 -43.37 -41.93
C ARG B 211 31.98 -43.95 -42.83
N GLN C 1 -17.13 -5.03 -43.66
CA GLN C 1 -15.74 -5.20 -44.17
C GLN C 1 -14.65 -4.67 -43.18
N VAL C 2 -14.84 -4.97 -41.88
CA VAL C 2 -13.96 -4.62 -40.77
C VAL C 2 -12.63 -5.27 -41.03
N GLN C 3 -11.54 -4.51 -40.90
CA GLN C 3 -10.21 -5.03 -41.10
C GLN C 3 -9.27 -4.49 -40.08
N LEU C 4 -8.41 -5.36 -39.58
CA LEU C 4 -7.35 -5.00 -38.64
C LEU C 4 -5.98 -5.40 -39.24
N VAL C 5 -5.20 -4.38 -39.57
CA VAL C 5 -3.93 -4.56 -40.22
C VAL C 5 -2.78 -4.02 -39.37
N GLN C 6 -1.99 -4.96 -38.87
CA GLN C 6 -0.85 -4.73 -38.01
C GLN C 6 0.47 -4.45 -38.74
N SER C 7 1.41 -3.82 -38.01
CA SER C 7 2.74 -3.52 -38.48
C SER C 7 3.47 -4.83 -38.69
N GLY C 8 4.46 -4.85 -39.57
CA GLY C 8 5.24 -6.04 -39.91
C GLY C 8 6.11 -6.61 -38.81
N ALA C 9 6.69 -7.79 -39.09
CA ALA C 9 7.51 -8.58 -38.17
C ALA C 9 8.78 -7.88 -37.78
N GLU C 10 8.91 -7.61 -36.48
CA GLU C 10 10.01 -6.92 -35.84
C GLU C 10 10.93 -7.90 -35.19
N VAL C 11 12.20 -7.63 -35.29
CA VAL C 11 13.24 -8.44 -34.67
C VAL C 11 13.83 -7.57 -33.57
N LYS C 12 13.84 -8.06 -32.32
CA LYS C 12 14.37 -7.27 -31.22
C LYS C 12 15.40 -8.02 -30.39
N LYS C 13 16.38 -7.26 -29.86
CA LYS C 13 17.44 -7.74 -28.99
C LYS C 13 16.89 -7.71 -27.56
N PRO C 14 17.42 -8.51 -26.60
CA PRO C 14 16.83 -8.51 -25.25
C PRO C 14 17.11 -7.24 -24.44
N GLY C 15 16.03 -6.61 -23.97
CA GLY C 15 16.12 -5.36 -23.22
C GLY C 15 15.62 -4.18 -24.02
N ALA C 16 15.39 -4.39 -25.31
CA ALA C 16 14.88 -3.38 -26.22
C ALA C 16 13.37 -3.11 -26.03
N SER C 17 12.86 -2.14 -26.81
CA SER C 17 11.46 -1.74 -26.82
C SER C 17 10.96 -2.04 -28.21
N VAL C 18 9.73 -2.53 -28.29
CA VAL C 18 9.05 -2.82 -29.55
C VAL C 18 7.68 -2.09 -29.56
N LYS C 19 7.41 -1.29 -30.60
CA LYS C 19 6.11 -0.63 -30.73
C LYS C 19 5.44 -1.16 -31.98
N VAL C 20 4.30 -1.88 -31.79
CA VAL C 20 3.47 -2.53 -32.82
C VAL C 20 2.20 -1.73 -33.09
N SER C 21 2.00 -1.35 -34.36
CA SER C 21 0.83 -0.57 -34.79
C SER C 21 -0.27 -1.49 -35.22
N CYS C 22 -1.50 -0.94 -35.26
CA CYS C 22 -2.70 -1.62 -35.69
C CYS C 22 -3.71 -0.60 -36.28
N LYS C 23 -3.88 -0.67 -37.61
CA LYS C 23 -4.78 0.22 -38.31
C LYS C 23 -6.18 -0.39 -38.45
N ALA C 24 -7.17 0.30 -37.88
CA ALA C 24 -8.58 -0.08 -37.90
C ALA C 24 -9.33 0.57 -39.06
N SER C 25 -10.07 -0.23 -39.82
CA SER C 25 -10.82 0.24 -40.98
C SER C 25 -12.08 -0.61 -41.23
N GLY C 26 -13.12 0.02 -41.77
CA GLY C 26 -14.37 -0.67 -42.03
C GLY C 26 -15.37 -0.49 -40.90
N TYR C 27 -14.88 0.05 -39.75
CA TYR C 27 -15.70 0.38 -38.58
C TYR C 27 -15.21 1.65 -37.88
N THR C 28 -16.08 2.17 -36.97
CA THR C 28 -15.91 3.39 -36.18
C THR C 28 -15.00 3.10 -34.98
N PHE C 29 -13.72 3.48 -35.15
CA PHE C 29 -12.64 3.25 -34.20
C PHE C 29 -13.03 3.49 -32.72
N THR C 30 -13.51 4.70 -32.39
CA THR C 30 -13.87 5.11 -31.03
C THR C 30 -14.95 4.27 -30.36
N SER C 31 -15.94 3.84 -31.17
CA SER C 31 -17.10 3.02 -30.78
C SER C 31 -16.75 1.64 -30.17
N PHE C 32 -15.50 1.19 -30.27
CA PHE C 32 -15.07 -0.11 -29.77
C PHE C 32 -13.77 -0.01 -29.01
N THR C 33 -13.43 -1.12 -28.38
CA THR C 33 -12.23 -1.29 -27.55
C THR C 33 -11.12 -1.92 -28.37
N MET C 34 -9.85 -1.64 -28.02
CA MET C 34 -8.71 -2.27 -28.68
C MET C 34 -7.90 -3.03 -27.66
N HIS C 35 -7.94 -4.35 -27.75
CA HIS C 35 -7.19 -5.25 -26.89
C HIS C 35 -5.94 -5.80 -27.61
N TRP C 36 -4.95 -6.20 -26.83
CA TRP C 36 -3.73 -6.79 -27.35
C TRP C 36 -3.57 -8.12 -26.67
N VAL C 37 -3.49 -9.18 -27.47
CA VAL C 37 -3.35 -10.55 -27.00
C VAL C 37 -2.16 -11.10 -27.73
N ARG C 38 -1.31 -11.92 -27.06
CA ARG C 38 -0.13 -12.52 -27.70
C ARG C 38 -0.17 -14.02 -27.62
N GLN C 39 0.64 -14.69 -28.44
CA GLN C 39 0.69 -16.16 -28.39
C GLN C 39 2.14 -16.66 -28.59
N ALA C 40 2.70 -17.27 -27.55
CA ALA C 40 4.09 -17.73 -27.56
C ALA C 40 4.30 -18.93 -28.52
N PRO C 41 5.51 -19.18 -29.07
CA PRO C 41 5.65 -20.34 -29.98
C PRO C 41 5.22 -21.60 -29.26
N GLY C 42 4.37 -22.37 -29.94
CA GLY C 42 3.80 -23.61 -29.42
C GLY C 42 3.10 -23.45 -28.09
N GLN C 43 2.29 -22.36 -27.95
CA GLN C 43 1.56 -22.04 -26.72
C GLN C 43 0.17 -21.45 -26.97
N GLY C 44 -0.59 -21.27 -25.89
CA GLY C 44 -1.93 -20.71 -25.91
C GLY C 44 -1.86 -19.20 -25.92
N LEU C 45 -3.03 -18.54 -25.89
CA LEU C 45 -3.08 -17.08 -25.93
C LEU C 45 -3.01 -16.49 -24.53
N GLU C 46 -2.49 -15.27 -24.43
CA GLU C 46 -2.25 -14.50 -23.19
C GLU C 46 -2.64 -13.02 -23.42
N TRP C 47 -3.57 -12.49 -22.61
CA TRP C 47 -4.04 -11.10 -22.73
C TRP C 47 -3.05 -10.10 -22.16
N ILE C 48 -2.74 -9.08 -22.96
CA ILE C 48 -1.79 -8.02 -22.56
C ILE C 48 -2.54 -6.84 -21.95
N GLY C 49 -3.51 -6.29 -22.66
CA GLY C 49 -4.28 -5.13 -22.15
C GLY C 49 -5.21 -4.59 -23.20
N TYR C 50 -5.87 -3.47 -22.90
CA TYR C 50 -6.82 -2.88 -23.87
C TYR C 50 -6.84 -1.36 -23.73
N ILE C 51 -7.30 -0.66 -24.77
CA ILE C 51 -7.43 0.82 -24.72
C ILE C 51 -8.84 1.19 -25.19
N ASN C 52 -9.44 2.21 -24.59
CA ASN C 52 -10.73 2.71 -25.11
C ASN C 52 -10.38 4.00 -25.85
N PRO C 53 -10.32 3.99 -27.19
CA PRO C 53 -9.92 5.16 -27.95
C PRO C 53 -10.76 6.37 -27.58
N SER C 54 -12.07 6.20 -27.43
CA SER C 54 -12.89 7.37 -27.08
C SER C 54 -12.45 8.07 -25.74
N SER C 55 -12.14 7.28 -24.66
CA SER C 55 -11.74 7.86 -23.37
C SER C 55 -10.23 8.00 -23.18
N GLY C 56 -9.48 7.17 -23.87
CA GLY C 56 -8.05 7.14 -23.68
C GLY C 56 -7.75 6.18 -22.54
N TYR C 57 -8.81 5.71 -21.85
CA TYR C 57 -8.73 4.78 -20.72
C TYR C 57 -8.17 3.43 -21.10
N THR C 58 -7.18 2.95 -20.34
CA THR C 58 -6.56 1.65 -20.53
C THR C 58 -6.54 0.82 -19.23
N GLU C 59 -6.49 -0.50 -19.38
CA GLU C 59 -6.30 -1.50 -18.33
C GLU C 59 -5.27 -2.52 -18.86
N TYR C 60 -4.32 -2.93 -18.00
CA TYR C 60 -3.28 -3.89 -18.37
C TYR C 60 -3.33 -5.16 -17.49
N ASN C 61 -2.61 -6.20 -17.90
CA ASN C 61 -2.48 -7.40 -17.11
C ASN C 61 -1.28 -7.04 -16.24
N GLN C 62 -1.39 -7.26 -14.91
CA GLN C 62 -0.37 -6.97 -13.92
C GLN C 62 1.01 -7.48 -14.32
N LYS C 63 1.04 -8.64 -15.07
CA LYS C 63 2.24 -9.30 -15.65
C LYS C 63 3.08 -8.30 -16.43
N PHE C 64 2.41 -7.29 -17.00
CA PHE C 64 3.01 -6.22 -17.79
C PHE C 64 2.87 -4.92 -17.02
N LYS C 65 1.80 -4.12 -17.25
CA LYS C 65 1.47 -2.83 -16.55
C LYS C 65 2.65 -1.80 -16.60
N ASP C 66 3.74 -2.19 -15.92
CA ASP C 66 5.04 -1.60 -15.75
C ASP C 66 5.82 -1.55 -17.11
N ARG C 67 5.88 -2.67 -17.86
CA ARG C 67 6.61 -2.80 -19.14
C ARG C 67 5.84 -2.29 -20.35
N VAL C 68 4.53 -2.58 -20.39
CA VAL C 68 3.64 -2.21 -21.48
C VAL C 68 2.97 -0.81 -21.33
N THR C 69 2.52 -0.29 -22.51
CA THR C 69 1.81 0.96 -22.74
C THR C 69 1.09 0.84 -24.06
N ILE C 70 -0.21 0.72 -23.96
CA ILE C 70 -1.08 0.57 -25.11
C ILE C 70 -1.66 1.96 -25.42
N THR C 71 -1.59 2.38 -26.68
CA THR C 71 -2.00 3.74 -26.99
C THR C 71 -2.87 3.88 -28.25
N ALA C 72 -3.67 4.96 -28.35
CA ALA C 72 -4.56 5.06 -29.50
C ALA C 72 -4.52 6.38 -30.16
N ASP C 73 -4.34 6.36 -31.50
CA ASP C 73 -4.31 7.57 -32.30
C ASP C 73 -5.62 7.72 -33.01
N LYS C 74 -6.50 8.60 -32.48
CA LYS C 74 -7.83 8.86 -33.04
C LYS C 74 -7.78 9.34 -34.49
N SER C 75 -7.01 10.39 -34.74
CA SER C 75 -6.85 10.96 -36.05
C SER C 75 -6.40 9.92 -37.11
N THR C 76 -5.39 9.06 -36.81
CA THR C 76 -4.92 8.04 -37.77
C THR C 76 -5.73 6.76 -37.68
N SER C 77 -6.66 6.68 -36.69
CA SER C 77 -7.54 5.50 -36.46
C SER C 77 -6.71 4.20 -36.28
N THR C 78 -5.62 4.30 -35.51
CA THR C 78 -4.63 3.26 -35.27
C THR C 78 -4.38 3.11 -33.78
N ALA C 79 -4.24 1.86 -33.30
CA ALA C 79 -3.87 1.54 -31.93
C ALA C 79 -2.42 1.04 -31.91
N TYR C 80 -1.73 1.16 -30.77
CA TYR C 80 -0.33 0.75 -30.63
C TYR C 80 -0.04 0.01 -29.36
N MET C 81 1.00 -0.81 -29.38
CA MET C 81 1.47 -1.49 -28.19
C MET C 81 2.98 -1.40 -28.11
N GLU C 82 3.50 -0.91 -26.96
CA GLU C 82 4.91 -0.72 -26.70
C GLU C 82 5.32 -1.56 -25.53
N LEU C 83 6.17 -2.58 -25.78
CA LEU C 83 6.67 -3.50 -24.77
C LEU C 83 8.16 -3.26 -24.59
N SER C 84 8.52 -2.67 -23.46
CA SER C 84 9.91 -2.37 -23.16
C SER C 84 10.56 -3.47 -22.30
N SER C 85 11.92 -3.42 -22.23
CA SER C 85 12.78 -4.36 -21.49
C SER C 85 12.37 -5.75 -21.87
N LEU C 86 12.62 -6.13 -23.12
CA LEU C 86 12.17 -7.42 -23.66
C LEU C 86 13.02 -8.62 -23.20
N ARG C 87 12.38 -9.65 -22.59
CA ARG C 87 13.08 -10.88 -22.19
C ARG C 87 12.87 -11.86 -23.36
N SER C 88 13.62 -12.99 -23.40
CA SER C 88 13.48 -13.99 -24.49
C SER C 88 12.01 -14.40 -24.67
N GLU C 89 11.33 -14.74 -23.54
CA GLU C 89 9.93 -15.14 -23.36
C GLU C 89 8.88 -14.18 -23.96
N ASP C 90 9.29 -13.03 -24.43
CA ASP C 90 8.40 -12.08 -25.05
C ASP C 90 8.27 -12.41 -26.54
N THR C 91 9.05 -13.41 -27.08
CA THR C 91 8.96 -13.77 -28.50
C THR C 91 7.60 -14.38 -28.72
N ALA C 92 6.81 -13.76 -29.57
CA ALA C 92 5.49 -14.25 -29.85
C ALA C 92 4.90 -13.51 -31.05
N VAL C 93 3.67 -13.89 -31.42
CA VAL C 93 2.83 -13.24 -32.41
C VAL C 93 1.88 -12.40 -31.55
N TYR C 94 1.86 -11.12 -31.84
CA TYR C 94 1.07 -10.14 -31.11
C TYR C 94 -0.09 -9.77 -31.99
N TYR C 95 -1.31 -9.99 -31.51
CA TYR C 95 -2.53 -9.67 -32.27
C TYR C 95 -3.20 -8.48 -31.63
N CYS C 96 -3.71 -7.54 -32.44
CA CYS C 96 -4.57 -6.49 -31.91
C CYS C 96 -5.94 -7.05 -32.16
N VAL C 97 -6.82 -6.95 -31.16
CA VAL C 97 -8.15 -7.50 -31.29
C VAL C 97 -9.25 -6.48 -30.86
N ARG C 98 -10.32 -6.37 -31.66
CA ARG C 98 -11.44 -5.46 -31.42
C ARG C 98 -12.37 -5.95 -30.29
N GLY C 99 -12.75 -5.04 -29.42
CA GLY C 99 -13.65 -5.37 -28.32
C GLY C 99 -15.04 -4.87 -28.57
N SER C 100 -15.94 -5.72 -29.00
CA SER C 100 -17.29 -5.24 -29.18
C SER C 100 -18.20 -5.81 -28.02
N SER C 101 -19.50 -5.53 -28.07
CA SER C 101 -20.44 -6.05 -27.09
C SER C 101 -20.47 -7.58 -27.21
N ARG C 102 -20.12 -8.14 -28.39
CA ARG C 102 -20.07 -9.59 -28.63
C ARG C 102 -18.68 -10.15 -28.34
N GLY C 103 -17.91 -9.49 -27.47
CA GLY C 103 -16.55 -9.91 -27.12
C GLY C 103 -15.56 -9.53 -28.21
N PHE C 104 -14.55 -10.38 -28.44
CA PHE C 104 -13.54 -10.13 -29.46
C PHE C 104 -14.08 -10.53 -30.83
N ASP C 105 -14.70 -9.58 -31.52
CA ASP C 105 -15.28 -9.69 -32.83
C ASP C 105 -14.24 -10.02 -33.90
N TYR C 106 -13.19 -9.20 -33.98
CA TYR C 106 -12.21 -9.28 -35.04
C TYR C 106 -10.79 -9.10 -34.55
N TRP C 107 -9.86 -9.84 -35.17
CA TRP C 107 -8.44 -9.85 -34.85
C TRP C 107 -7.60 -9.54 -36.11
N GLY C 108 -6.48 -8.83 -35.91
CA GLY C 108 -5.52 -8.50 -36.95
C GLY C 108 -4.69 -9.72 -37.30
N GLN C 109 -4.05 -9.72 -38.50
CA GLN C 109 -3.23 -10.83 -39.03
C GLN C 109 -2.17 -11.35 -38.03
N GLY C 110 -1.74 -10.52 -37.08
CA GLY C 110 -0.74 -10.87 -36.09
C GLY C 110 0.57 -10.26 -36.48
N THR C 111 1.46 -10.06 -35.51
CA THR C 111 2.79 -9.46 -35.73
C THR C 111 3.81 -10.33 -35.04
N LEU C 112 4.82 -10.84 -35.77
CA LEU C 112 5.85 -11.64 -35.14
C LEU C 112 6.93 -10.79 -34.52
N VAL C 113 7.03 -10.84 -33.18
CA VAL C 113 8.10 -10.19 -32.44
C VAL C 113 9.05 -11.30 -31.96
N THR C 114 10.28 -11.32 -32.53
CA THR C 114 11.31 -12.31 -32.22
C THR C 114 12.35 -11.58 -31.35
N VAL C 115 12.54 -12.05 -30.11
CA VAL C 115 13.45 -11.45 -29.14
C VAL C 115 14.60 -12.38 -28.80
N SER C 116 15.80 -12.00 -29.23
CA SER C 116 17.02 -12.75 -28.97
C SER C 116 18.25 -11.86 -29.14
N SER C 117 19.39 -12.40 -28.69
CA SER C 117 20.72 -11.84 -28.77
C SER C 117 21.28 -12.01 -30.19
N ALA C 118 20.73 -13.00 -30.97
CA ALA C 118 21.13 -13.31 -32.35
C ALA C 118 20.85 -12.18 -33.35
N SER C 119 21.48 -12.25 -34.53
CA SER C 119 21.31 -11.26 -35.59
C SER C 119 20.89 -11.92 -36.87
N THR C 120 20.03 -11.23 -37.67
CA THR C 120 19.47 -11.73 -38.94
C THR C 120 20.54 -12.31 -39.83
N LYS C 121 20.36 -13.56 -40.26
CA LYS C 121 21.29 -14.27 -41.12
C LYS C 121 20.60 -15.32 -42.00
N GLY C 122 21.24 -15.59 -43.13
CA GLY C 122 20.75 -16.53 -44.11
C GLY C 122 21.03 -17.95 -43.68
N PRO C 123 20.31 -18.92 -44.26
CA PRO C 123 20.58 -20.32 -43.92
C PRO C 123 21.58 -20.94 -44.88
N SER C 124 22.19 -22.04 -44.45
CA SER C 124 23.07 -22.80 -45.33
C SER C 124 22.24 -24.05 -45.70
N VAL C 125 22.02 -24.23 -47.02
CA VAL C 125 21.19 -25.30 -47.59
C VAL C 125 22.05 -26.51 -48.01
N PHE C 126 21.81 -27.66 -47.37
CA PHE C 126 22.54 -28.90 -47.62
C PHE C 126 21.64 -29.99 -48.16
N PRO C 127 22.06 -30.76 -49.19
CA PRO C 127 21.18 -31.79 -49.73
C PRO C 127 21.25 -33.04 -48.88
N LEU C 128 20.06 -33.61 -48.59
CA LEU C 128 19.86 -34.85 -47.86
C LEU C 128 19.64 -35.92 -48.94
N ALA C 129 20.73 -36.22 -49.67
CA ALA C 129 20.76 -37.16 -50.78
C ALA C 129 20.09 -38.51 -50.49
N PRO C 130 19.41 -39.09 -51.53
CA PRO C 130 18.74 -40.39 -51.35
C PRO C 130 19.67 -41.60 -51.47
N SER C 131 19.79 -42.39 -50.40
CA SER C 131 20.63 -43.59 -50.30
C SER C 131 19.78 -44.89 -50.29
N SER C 132 20.41 -46.08 -50.43
CA SER C 132 19.68 -47.35 -50.33
C SER C 132 19.06 -47.50 -48.90
N LYS C 133 19.38 -46.54 -47.97
CA LYS C 133 18.86 -46.47 -46.61
C LYS C 133 18.00 -45.20 -46.40
N SER C 134 17.45 -44.71 -47.52
CA SER C 134 16.53 -43.57 -47.67
C SER C 134 15.46 -44.01 -48.75
N THR C 135 15.50 -45.33 -49.14
CA THR C 135 14.63 -45.98 -50.13
C THR C 135 13.94 -47.21 -49.57
N SER C 136 12.60 -47.14 -49.49
CA SER C 136 11.73 -48.24 -49.08
C SER C 136 10.68 -48.48 -50.16
N GLY C 137 10.52 -49.75 -50.53
CA GLY C 137 9.65 -50.13 -51.64
C GLY C 137 10.24 -49.54 -52.91
N GLY C 138 9.37 -48.96 -53.73
CA GLY C 138 9.77 -48.33 -54.98
C GLY C 138 9.92 -46.83 -54.85
N THR C 139 9.82 -46.30 -53.60
CA THR C 139 9.89 -44.88 -53.23
C THR C 139 11.20 -44.53 -52.46
N ALA C 140 11.70 -43.31 -52.66
CA ALA C 140 12.90 -42.84 -51.97
C ALA C 140 12.69 -41.43 -51.50
N ALA C 141 13.20 -41.15 -50.29
CA ALA C 141 13.11 -39.81 -49.72
C ALA C 141 14.36 -39.05 -50.04
N LEU C 142 14.25 -37.74 -49.99
CA LEU C 142 15.33 -36.81 -50.23
C LEU C 142 14.83 -35.48 -49.70
N GLY C 143 15.74 -34.53 -49.52
CA GLY C 143 15.37 -33.25 -48.98
C GLY C 143 16.53 -32.34 -48.77
N CYS C 144 16.27 -31.22 -48.13
CA CYS C 144 17.28 -30.21 -47.83
C CYS C 144 17.34 -29.89 -46.37
N LEU C 145 18.51 -29.53 -45.89
CA LEU C 145 18.64 -29.12 -44.51
C LEU C 145 18.86 -27.58 -44.48
N VAL C 146 17.78 -26.84 -44.19
CA VAL C 146 17.84 -25.39 -44.08
C VAL C 146 18.40 -25.21 -42.67
N LYS C 147 19.68 -24.78 -42.57
CA LYS C 147 20.37 -24.65 -41.27
C LYS C 147 21.03 -23.28 -40.98
N ASP C 148 20.94 -22.89 -39.66
CA ASP C 148 21.54 -21.72 -39.00
C ASP C 148 21.10 -20.36 -39.55
N TYR C 149 19.80 -20.16 -39.62
CA TYR C 149 19.24 -18.89 -40.05
C TYR C 149 18.56 -18.22 -38.92
N PHE C 150 18.29 -16.92 -39.11
CA PHE C 150 17.63 -16.07 -38.15
C PHE C 150 17.02 -14.81 -38.74
N PRO C 151 15.79 -14.45 -38.43
CA PRO C 151 14.82 -15.18 -37.61
C PRO C 151 13.91 -16.02 -38.52
N GLU C 152 12.80 -16.51 -37.98
CA GLU C 152 11.89 -17.14 -38.88
C GLU C 152 11.13 -16.02 -39.65
N PRO C 153 10.54 -16.30 -40.84
CA PRO C 153 10.31 -17.59 -41.46
C PRO C 153 11.20 -17.91 -42.65
N VAL C 154 11.18 -19.18 -43.02
CA VAL C 154 11.87 -19.66 -44.18
C VAL C 154 10.85 -20.37 -45.08
N THR C 155 10.95 -20.12 -46.39
CA THR C 155 10.05 -20.69 -47.40
C THR C 155 10.80 -21.72 -48.20
N VAL C 156 10.25 -22.94 -48.24
CA VAL C 156 10.83 -24.02 -49.05
C VAL C 156 9.82 -24.47 -50.10
N SER C 157 10.28 -24.54 -51.36
CA SER C 157 9.50 -25.05 -52.49
C SER C 157 10.35 -26.13 -53.19
N TRP C 158 9.72 -26.98 -54.02
CA TRP C 158 10.45 -28.03 -54.71
C TRP C 158 10.22 -27.95 -56.18
N ASN C 159 11.31 -27.85 -56.97
CA ASN C 159 11.26 -27.72 -58.43
C ASN C 159 10.32 -26.56 -58.82
N SER C 160 10.56 -25.35 -58.22
CA SER C 160 9.77 -24.11 -58.42
C SER C 160 8.28 -24.30 -58.10
N GLY C 161 8.01 -25.25 -57.21
CA GLY C 161 6.65 -25.60 -56.77
C GLY C 161 5.95 -26.63 -57.63
N ALA C 162 6.70 -27.30 -58.55
CA ALA C 162 6.12 -28.33 -59.43
C ALA C 162 5.78 -29.55 -58.61
N LEU C 163 6.74 -29.97 -57.75
CA LEU C 163 6.64 -31.10 -56.85
C LEU C 163 5.91 -30.62 -55.57
N THR C 164 4.72 -31.22 -55.27
CA THR C 164 3.84 -30.85 -54.14
C THR C 164 3.42 -32.08 -53.34
N SER C 165 3.04 -33.16 -54.02
CA SER C 165 2.66 -34.37 -53.32
C SER C 165 3.92 -35.11 -52.81
N GLY C 166 4.00 -35.27 -51.48
CA GLY C 166 5.11 -35.95 -50.82
C GLY C 166 5.98 -35.01 -50.03
N VAL C 167 5.88 -33.70 -50.33
CA VAL C 167 6.62 -32.60 -49.67
C VAL C 167 6.21 -32.54 -48.19
N HIS C 168 7.20 -32.32 -47.33
CA HIS C 168 7.06 -32.27 -45.90
C HIS C 168 8.11 -31.33 -45.35
N THR C 169 7.83 -30.00 -45.38
CA THR C 169 8.74 -29.00 -44.80
C THR C 169 8.34 -28.92 -43.29
N PHE C 170 9.26 -29.32 -42.42
CA PHE C 170 9.02 -29.42 -40.98
C PHE C 170 9.02 -28.07 -40.30
N PRO C 171 8.40 -27.89 -39.11
CA PRO C 171 8.48 -26.56 -38.46
C PRO C 171 9.92 -26.25 -38.03
N ALA C 172 10.26 -24.94 -37.86
CA ALA C 172 11.62 -24.64 -37.43
C ALA C 172 11.82 -25.03 -36.01
N VAL C 173 12.99 -25.56 -35.75
CA VAL C 173 13.42 -25.98 -34.43
C VAL C 173 14.61 -25.09 -34.05
N LEU C 174 14.55 -24.44 -32.86
CA LEU C 174 15.56 -23.50 -32.36
C LEU C 174 16.74 -24.17 -31.65
N GLN C 175 17.88 -24.24 -32.35
CA GLN C 175 19.13 -24.85 -31.89
C GLN C 175 19.75 -24.00 -30.79
N SER C 176 20.59 -24.61 -29.91
CA SER C 176 21.32 -23.98 -28.77
C SER C 176 22.12 -22.76 -29.18
N SER C 177 22.53 -22.72 -30.46
CA SER C 177 23.27 -21.64 -31.11
C SER C 177 22.40 -20.40 -31.25
N GLY C 178 21.10 -20.56 -30.99
CA GLY C 178 20.10 -19.51 -31.07
C GLY C 178 19.65 -19.31 -32.49
N LEU C 179 19.80 -20.33 -33.29
CA LEU C 179 19.47 -20.27 -34.71
C LEU C 179 18.47 -21.35 -35.00
N TYR C 180 17.73 -21.14 -36.07
CA TYR C 180 16.71 -22.08 -36.48
C TYR C 180 17.25 -23.04 -37.50
N SER C 181 16.56 -24.15 -37.66
CA SER C 181 16.85 -25.15 -38.64
C SER C 181 15.59 -25.94 -38.87
N LEU C 182 15.40 -26.43 -40.10
CA LEU C 182 14.29 -27.29 -40.52
C LEU C 182 14.71 -28.08 -41.76
N SER C 183 14.05 -29.20 -41.96
CA SER C 183 14.32 -30.02 -43.13
C SER C 183 13.07 -30.11 -43.98
N SER C 184 13.25 -30.18 -45.29
CA SER C 184 12.14 -30.28 -46.20
C SER C 184 12.47 -31.49 -46.97
N VAL C 185 11.68 -32.55 -46.73
CA VAL C 185 11.85 -33.87 -47.36
C VAL C 185 10.71 -34.15 -48.31
N VAL C 186 10.98 -35.00 -49.29
CA VAL C 186 9.99 -35.42 -50.29
C VAL C 186 10.19 -36.92 -50.64
N THR C 187 9.09 -37.63 -50.77
CA THR C 187 9.06 -39.04 -51.12
C THR C 187 8.62 -39.11 -52.59
N VAL C 188 9.50 -39.65 -53.46
CA VAL C 188 9.26 -39.75 -54.90
C VAL C 188 9.76 -41.13 -55.36
N PRO C 189 9.21 -41.77 -56.44
CA PRO C 189 9.71 -43.08 -56.87
C PRO C 189 11.20 -43.13 -57.24
N SER C 190 11.91 -44.13 -56.68
CA SER C 190 13.34 -44.40 -56.84
C SER C 190 13.77 -44.74 -58.29
N SER C 191 12.81 -44.97 -59.19
CA SER C 191 13.05 -45.23 -60.62
C SER C 191 13.55 -43.92 -61.27
N SER C 192 12.89 -42.78 -60.95
CA SER C 192 13.19 -41.44 -61.44
C SER C 192 14.44 -40.81 -60.82
N LEU C 193 15.09 -41.48 -59.84
CA LEU C 193 16.29 -41.01 -59.13
C LEU C 193 17.28 -40.23 -60.01
N GLY C 194 17.58 -40.77 -61.19
CA GLY C 194 18.49 -40.18 -62.17
C GLY C 194 17.78 -39.72 -63.43
N THR C 195 16.48 -40.03 -63.54
CA THR C 195 15.66 -39.64 -64.68
C THR C 195 15.20 -38.18 -64.45
N GLN C 196 14.77 -37.86 -63.21
CA GLN C 196 14.37 -36.51 -62.80
C GLN C 196 15.33 -35.89 -61.79
N THR C 197 15.66 -34.61 -62.03
CA THR C 197 16.50 -33.76 -61.19
C THR C 197 15.61 -33.14 -60.11
N TYR C 198 16.12 -33.02 -58.86
CA TYR C 198 15.33 -32.42 -57.77
C TYR C 198 16.04 -31.24 -57.14
N ILE C 199 15.42 -30.07 -57.23
CA ILE C 199 15.95 -28.80 -56.70
C ILE C 199 14.99 -28.24 -55.63
N CYS C 200 15.50 -28.12 -54.38
CA CYS C 200 14.72 -27.47 -53.34
C CYS C 200 15.06 -25.99 -53.44
N ASN C 201 14.02 -25.18 -53.48
CA ASN C 201 14.17 -23.74 -53.61
C ASN C 201 13.82 -23.14 -52.26
N VAL C 202 14.85 -22.61 -51.57
CA VAL C 202 14.73 -22.04 -50.24
C VAL C 202 14.88 -20.57 -50.33
N ASN C 203 13.95 -19.86 -49.71
CA ASN C 203 13.92 -18.43 -49.66
C ASN C 203 13.82 -17.98 -48.19
N HIS C 204 14.63 -16.96 -47.84
CA HIS C 204 14.66 -16.33 -46.52
C HIS C 204 14.51 -14.84 -46.76
N LYS C 205 13.34 -14.28 -46.46
CA LYS C 205 13.14 -12.85 -46.72
C LYS C 205 14.04 -11.95 -45.80
N PRO C 206 14.06 -12.15 -44.44
CA PRO C 206 14.89 -11.27 -43.59
C PRO C 206 16.30 -11.03 -44.09
N SER C 207 17.07 -12.09 -44.33
CA SER C 207 18.43 -11.96 -44.82
C SER C 207 18.51 -11.65 -46.30
N ASN C 208 17.38 -11.86 -47.03
CA ASN C 208 17.28 -11.65 -48.48
C ASN C 208 18.18 -12.67 -49.21
N THR C 209 17.87 -13.94 -49.00
CA THR C 209 18.58 -15.06 -49.61
C THR C 209 17.57 -15.97 -50.37
N LYS C 210 18.05 -16.54 -51.49
CA LYS C 210 17.31 -17.40 -52.40
C LYS C 210 18.34 -18.42 -52.87
N VAL C 211 18.29 -19.63 -52.28
CA VAL C 211 19.21 -20.73 -52.58
C VAL C 211 18.45 -21.85 -53.28
N ASP C 212 18.99 -22.35 -54.41
CA ASP C 212 18.42 -23.45 -55.20
C ASP C 212 19.36 -24.67 -55.23
N LYS C 213 19.47 -25.41 -54.13
CA LYS C 213 20.35 -26.58 -54.08
C LYS C 213 19.79 -27.81 -54.81
N ARG C 214 20.62 -28.46 -55.64
CA ARG C 214 20.23 -29.67 -56.36
C ARG C 214 20.55 -30.88 -55.50
N VAL C 215 19.50 -31.71 -55.25
CA VAL C 215 19.63 -32.93 -54.46
C VAL C 215 19.82 -34.09 -55.43
N GLU C 216 21.03 -34.66 -55.40
CA GLU C 216 21.48 -35.75 -56.27
C GLU C 216 22.08 -36.90 -55.42
N PRO C 217 21.85 -38.19 -55.79
CA PRO C 217 22.43 -39.29 -54.98
C PRO C 217 23.93 -39.51 -55.22
N GLN D 1 -7.45 5.06 19.54
CA GLN D 1 -7.72 5.40 18.14
C GLN D 1 -6.76 6.47 17.63
N VAL D 2 -7.10 7.76 17.87
CA VAL D 2 -6.26 8.89 17.50
C VAL D 2 -5.10 8.94 18.46
N GLN D 3 -3.88 8.90 17.90
CA GLN D 3 -2.64 8.93 18.65
C GLN D 3 -1.65 9.94 18.09
N LEU D 4 -0.76 10.40 18.97
CA LEU D 4 0.31 11.34 18.66
C LEU D 4 1.54 10.88 19.43
N VAL D 5 2.36 10.06 18.78
CA VAL D 5 3.49 9.49 19.48
C VAL D 5 4.72 10.30 19.20
N GLN D 6 5.31 10.84 20.29
CA GLN D 6 6.52 11.63 20.21
C GLN D 6 7.80 10.80 20.46
N SER D 7 8.93 11.30 19.90
CA SER D 7 10.28 10.74 20.01
C SER D 7 10.80 10.85 21.45
N GLY D 8 11.73 9.96 21.79
CA GLY D 8 12.35 9.90 23.12
C GLY D 8 13.04 11.21 23.52
N ALA D 9 13.16 11.44 24.84
CA ALA D 9 13.80 12.64 25.39
C ALA D 9 15.26 12.62 25.07
N GLU D 10 15.88 13.79 24.92
CA GLU D 10 17.30 13.86 24.57
C GLU D 10 18.12 14.81 25.45
N VAL D 11 19.44 14.54 25.54
CA VAL D 11 20.43 15.45 26.15
C VAL D 11 21.04 16.10 24.93
N LYS D 12 21.18 17.43 24.96
CA LYS D 12 21.76 18.18 23.85
C LYS D 12 22.87 19.07 24.31
N LYS D 13 24.10 18.82 23.86
CA LYS D 13 25.25 19.67 24.19
C LYS D 13 24.98 21.08 23.60
N PRO D 14 25.29 22.20 24.30
CA PRO D 14 24.98 23.51 23.69
C PRO D 14 25.61 23.64 22.31
N GLY D 15 24.87 24.25 21.38
CA GLY D 15 25.30 24.40 19.99
C GLY D 15 24.58 23.45 19.05
N SER D 16 24.34 22.20 19.53
CA SER D 16 23.66 21.10 18.83
C SER D 16 22.24 21.46 18.43
N SER D 17 21.71 20.72 17.45
CA SER D 17 20.32 20.83 17.01
C SER D 17 19.59 19.57 17.43
N VAL D 18 18.27 19.68 17.64
CA VAL D 18 17.45 18.55 17.99
C VAL D 18 16.32 18.40 16.99
N LYS D 19 15.94 17.19 16.65
CA LYS D 19 14.79 17.01 15.78
C LYS D 19 13.84 16.11 16.55
N VAL D 20 12.77 16.68 17.12
CA VAL D 20 11.72 15.95 17.85
C VAL D 20 10.59 15.62 16.84
N SER D 21 10.05 14.39 16.88
CA SER D 21 9.01 13.95 15.95
C SER D 21 7.66 13.72 16.64
N CYS D 22 6.59 13.65 15.83
CA CYS D 22 5.22 13.46 16.28
C CYS D 22 4.51 12.65 15.21
N LYS D 23 4.42 11.30 15.41
CA LYS D 23 3.75 10.39 14.47
C LYS D 23 2.27 10.34 14.75
N ALA D 24 1.46 10.65 13.73
CA ALA D 24 0.01 10.62 13.80
C ALA D 24 -0.58 9.30 13.28
N SER D 25 -1.62 8.78 13.98
CA SER D 25 -2.35 7.55 13.65
C SER D 25 -3.78 7.65 14.14
N GLY D 26 -4.67 6.89 13.52
CA GLY D 26 -6.08 6.89 13.88
C GLY D 26 -6.91 7.96 13.18
N TYR D 27 -6.26 8.74 12.30
CA TYR D 27 -6.85 9.82 11.51
C TYR D 27 -5.94 10.16 10.34
N THR D 28 -6.47 10.93 9.38
CA THR D 28 -5.75 11.34 8.16
C THR D 28 -5.01 12.65 8.44
N PHE D 29 -3.75 12.49 8.88
CA PHE D 29 -2.75 13.46 9.31
C PHE D 29 -2.89 14.84 8.69
N SER D 30 -3.09 14.82 7.36
CA SER D 30 -3.17 15.97 6.47
C SER D 30 -4.43 16.81 6.63
N ASP D 31 -5.46 16.33 7.33
CA ASP D 31 -6.71 17.08 7.53
C ASP D 31 -6.79 17.84 8.87
N TYR D 32 -5.67 17.84 9.61
CA TYR D 32 -5.51 18.43 10.93
C TYR D 32 -4.20 19.19 11.05
N VAL D 33 -4.25 20.44 11.55
CA VAL D 33 -3.10 21.33 11.79
C VAL D 33 -2.27 20.79 12.96
N ILE D 34 -0.92 20.70 12.81
CA ILE D 34 -0.06 20.27 13.92
C ILE D 34 0.60 21.47 14.52
N ASN D 35 0.32 21.69 15.83
CA ASN D 35 0.90 22.78 16.62
C ASN D 35 2.04 22.22 17.45
N TRP D 36 3.05 23.05 17.75
CA TRP D 36 4.15 22.65 18.65
C TRP D 36 4.17 23.58 19.84
N VAL D 37 3.84 23.03 21.05
CA VAL D 37 3.79 23.80 22.31
C VAL D 37 4.94 23.38 23.23
N ARG D 38 5.63 24.39 23.77
CA ARG D 38 6.75 24.26 24.70
C ARG D 38 6.23 24.44 26.15
N GLN D 39 6.96 23.85 27.11
CA GLN D 39 6.64 24.02 28.51
C GLN D 39 7.92 23.93 29.35
N ALA D 40 8.57 25.12 29.51
CA ALA D 40 9.79 25.32 30.31
C ALA D 40 9.39 25.34 31.76
N PRO D 41 10.27 24.83 32.65
CA PRO D 41 9.91 24.76 34.08
C PRO D 41 9.53 26.10 34.71
N GLY D 42 8.21 26.29 34.89
CA GLY D 42 7.65 27.50 35.47
C GLY D 42 7.05 28.45 34.44
N GLN D 43 7.72 28.56 33.25
CA GLN D 43 7.33 29.42 32.11
C GLN D 43 5.93 29.17 31.54
N GLY D 44 5.34 28.01 31.86
CA GLY D 44 4.02 27.63 31.40
C GLY D 44 4.03 27.19 29.96
N LEU D 45 2.83 27.17 29.37
CA LEU D 45 2.63 26.73 28.00
C LEU D 45 2.84 27.89 27.04
N GLU D 46 3.76 27.69 26.07
CA GLU D 46 4.10 28.67 25.03
C GLU D 46 3.93 28.01 23.66
N TRP D 47 3.14 28.63 22.78
CA TRP D 47 2.91 28.07 21.45
C TRP D 47 4.03 28.51 20.53
N MET D 48 4.74 27.55 19.94
CA MET D 48 5.87 27.84 19.07
C MET D 48 5.49 28.07 17.63
N GLY D 49 4.65 27.19 17.09
CA GLY D 49 4.20 27.31 15.72
C GLY D 49 3.22 26.23 15.31
N GLU D 50 2.88 26.22 14.02
CA GLU D 50 1.97 25.24 13.44
C GLU D 50 2.18 25.00 11.93
N ILE D 51 1.77 23.82 11.49
CA ILE D 51 1.87 23.42 10.10
C ILE D 51 0.50 22.93 9.65
N TYR D 52 0.13 23.27 8.42
CA TYR D 52 -1.05 22.80 7.74
C TYR D 52 -0.43 21.66 6.90
N PRO D 53 -0.57 20.35 7.32
CA PRO D 53 0.20 19.28 6.64
C PRO D 53 -0.09 19.13 5.17
N GLY D 54 -1.38 19.19 4.83
CA GLY D 54 -1.92 19.07 3.49
C GLY D 54 -1.23 19.90 2.43
N SER D 55 -0.89 21.16 2.75
CA SER D 55 -0.20 22.05 1.81
C SER D 55 1.12 22.55 2.37
N GLY D 56 1.56 21.98 3.49
CA GLY D 56 2.82 22.34 4.14
C GLY D 56 2.95 23.79 4.58
N THR D 57 1.80 24.49 4.76
CA THR D 57 1.72 25.92 5.15
C THR D 57 2.09 26.10 6.63
N ASN D 58 3.10 26.90 6.88
CA ASN D 58 3.64 27.15 8.23
C ASN D 58 3.27 28.49 8.86
N TYR D 59 2.99 28.47 10.17
CA TYR D 59 2.72 29.70 10.94
C TYR D 59 3.49 29.70 12.25
N TYR D 60 4.53 30.52 12.37
CA TYR D 60 5.37 30.55 13.55
C TYR D 60 5.11 31.74 14.46
N ASN D 61 5.57 31.62 15.73
CA ASN D 61 5.58 32.69 16.71
C ASN D 61 6.94 33.37 16.47
N GLU D 62 6.96 34.68 16.16
CA GLU D 62 8.22 35.41 15.90
C GLU D 62 9.34 35.07 16.89
N LYS D 63 8.97 34.95 18.20
CA LYS D 63 9.84 34.61 19.32
C LYS D 63 10.65 33.35 18.96
N PHE D 64 9.94 32.30 18.48
CA PHE D 64 10.52 31.01 18.11
C PHE D 64 10.81 30.83 16.62
N LYS D 65 10.52 31.85 15.79
CA LYS D 65 10.77 31.81 14.34
C LYS D 65 12.27 31.57 14.04
N ALA D 66 13.14 32.00 14.97
CA ALA D 66 14.60 31.91 14.88
C ALA D 66 15.19 30.50 14.70
N LYS D 67 14.96 29.58 15.67
CA LYS D 67 15.60 28.25 15.64
C LYS D 67 14.63 27.08 15.32
N ALA D 68 13.31 27.26 15.57
CA ALA D 68 12.31 26.23 15.29
C ALA D 68 12.04 26.06 13.80
N THR D 69 11.96 24.80 13.37
CA THR D 69 11.73 24.43 11.97
C THR D 69 10.65 23.33 11.90
N ILE D 70 9.38 23.75 11.79
CA ILE D 70 8.24 22.87 11.71
C ILE D 70 8.07 22.38 10.29
N THR D 71 8.11 21.06 10.13
CA THR D 71 7.92 20.42 8.84
C THR D 71 7.02 19.18 8.96
N ALA D 72 6.20 18.92 7.94
CA ALA D 72 5.28 17.79 7.95
C ALA D 72 5.59 16.80 6.83
N ASP D 73 5.58 15.50 7.16
CA ASP D 73 5.86 14.49 6.18
C ASP D 73 4.68 13.55 5.91
N LYS D 74 3.80 13.93 4.94
CA LYS D 74 2.60 13.15 4.54
C LYS D 74 2.89 11.66 4.36
N SER D 75 4.01 11.37 3.68
CA SER D 75 4.49 10.03 3.36
C SER D 75 4.73 9.10 4.56
N THR D 76 4.96 9.65 5.77
CA THR D 76 5.16 8.82 6.99
C THR D 76 4.09 9.17 8.03
N SER D 77 3.35 10.27 7.74
CA SER D 77 2.29 10.84 8.58
C SER D 77 2.86 11.23 9.93
N THR D 78 4.03 11.91 9.89
CA THR D 78 4.80 12.40 11.03
C THR D 78 5.14 13.88 10.84
N ALA D 79 4.98 14.66 11.92
CA ALA D 79 5.29 16.08 11.95
C ALA D 79 6.58 16.25 12.74
N TYR D 80 7.50 17.06 12.23
CA TYR D 80 8.82 17.28 12.83
C TYR D 80 9.02 18.71 13.27
N MET D 81 9.80 18.86 14.34
CA MET D 81 10.27 20.11 14.92
C MET D 81 11.79 20.01 15.06
N GLU D 82 12.52 20.90 14.37
CA GLU D 82 13.96 20.97 14.45
C GLU D 82 14.33 22.19 15.27
N LEU D 83 15.17 22.00 16.30
CA LEU D 83 15.65 23.08 17.14
C LEU D 83 17.16 23.21 17.03
N SER D 84 17.60 24.16 16.19
CA SER D 84 19.01 24.45 15.94
C SER D 84 19.56 25.39 17.02
N SER D 85 20.92 25.56 17.07
CA SER D 85 21.66 26.39 18.04
C SER D 85 21.04 26.24 19.43
N LEU D 86 21.15 25.04 20.02
CA LEU D 86 20.52 24.85 21.32
C LEU D 86 21.27 25.51 22.46
N ARG D 87 20.56 26.42 23.16
CA ARG D 87 21.05 27.14 24.34
C ARG D 87 20.44 26.53 25.62
N SER D 88 21.20 26.55 26.73
CA SER D 88 20.74 25.98 28.01
C SER D 88 19.30 26.37 28.30
N GLU D 89 18.98 27.65 28.10
CA GLU D 89 17.66 28.27 28.29
C GLU D 89 16.49 27.54 27.61
N ASP D 90 16.77 26.83 26.47
CA ASP D 90 15.78 26.08 25.65
C ASP D 90 15.31 24.72 26.26
N THR D 91 15.97 24.24 27.34
CA THR D 91 15.63 23.01 28.08
C THR D 91 14.17 23.13 28.50
N ALA D 92 13.30 22.23 27.98
CA ALA D 92 11.85 22.19 28.26
C ALA D 92 11.14 20.89 27.80
N VAL D 93 9.83 20.80 28.09
CA VAL D 93 8.98 19.70 27.64
C VAL D 93 8.25 20.16 26.39
N TYR D 94 8.46 19.45 25.30
CA TYR D 94 7.92 19.78 24.00
C TYR D 94 6.76 18.91 23.60
N TYR D 95 5.61 19.51 23.29
CA TYR D 95 4.34 18.89 22.93
C TYR D 95 3.94 19.17 21.50
N CYS D 96 3.18 18.26 20.91
CA CYS D 96 2.56 18.43 19.59
C CYS D 96 1.06 18.24 19.78
N ALA D 97 0.26 19.11 19.18
CA ALA D 97 -1.19 19.04 19.40
C ALA D 97 -1.96 19.28 18.14
N ARG D 98 -2.96 18.41 17.83
CA ARG D 98 -3.76 18.62 16.62
C ARG D 98 -4.84 19.76 16.83
N ARG D 99 -5.32 20.36 15.72
CA ARG D 99 -6.19 21.52 15.84
C ARG D 99 -7.38 21.66 14.82
N GLY D 100 -7.88 20.56 14.26
CA GLY D 100 -8.99 20.67 13.31
C GLY D 100 -10.37 20.15 13.67
N ARG D 101 -10.57 19.47 14.85
CA ARG D 101 -11.87 18.86 15.25
C ARG D 101 -13.08 19.82 15.26
N TYR D 102 -12.86 20.99 15.80
CA TYR D 102 -13.80 22.09 15.89
C TYR D 102 -12.97 23.20 15.31
N GLY D 103 -13.47 23.78 14.20
CA GLY D 103 -12.77 24.80 13.43
C GLY D 103 -12.54 26.10 14.17
N LEU D 104 -12.67 26.02 15.50
CA LEU D 104 -12.58 27.06 16.49
C LEU D 104 -11.24 27.08 17.28
N TYR D 105 -10.14 26.67 16.64
CA TYR D 105 -8.75 26.76 17.11
C TYR D 105 -8.49 26.25 18.55
N ALA D 106 -8.86 24.99 18.80
CA ALA D 106 -8.63 24.29 20.06
C ALA D 106 -7.82 23.03 19.82
N MET D 107 -6.89 22.77 20.74
CA MET D 107 -6.00 21.62 20.67
C MET D 107 -6.65 20.46 21.40
N ASP D 108 -7.47 19.70 20.65
CA ASP D 108 -8.25 18.55 21.16
C ASP D 108 -7.39 17.38 21.59
N TYR D 109 -6.40 16.97 20.76
CA TYR D 109 -5.49 15.84 21.07
C TYR D 109 -3.97 16.26 21.09
N TRP D 110 -3.30 15.94 22.24
CA TRP D 110 -1.92 16.28 22.58
C TRP D 110 -1.05 15.04 22.65
N GLY D 111 0.22 15.18 22.20
CA GLY D 111 1.25 14.16 22.28
C GLY D 111 1.67 13.96 23.73
N GLN D 112 2.65 13.10 24.00
CA GLN D 112 2.99 12.88 25.43
C GLN D 112 4.02 13.90 26.01
N GLY D 113 4.74 14.56 25.10
CA GLY D 113 5.82 15.47 25.42
C GLY D 113 7.18 14.84 25.19
N THR D 114 8.19 15.69 25.01
CA THR D 114 9.59 15.28 24.82
C THR D 114 10.42 16.17 25.71
N THR D 115 11.05 15.60 26.74
CA THR D 115 11.85 16.37 27.66
C THR D 115 13.26 16.61 27.11
N VAL D 116 13.46 17.74 26.42
CA VAL D 116 14.77 18.07 25.88
C VAL D 116 15.58 18.84 26.95
N THR D 117 16.84 18.38 27.18
CA THR D 117 17.75 18.94 28.19
C THR D 117 19.05 19.43 27.53
N VAL D 118 19.27 20.77 27.48
CA VAL D 118 20.47 21.37 26.89
C VAL D 118 21.53 21.45 27.97
N SER D 119 22.57 20.65 27.83
CA SER D 119 23.65 20.58 28.81
C SER D 119 24.93 20.04 28.25
N SER D 120 26.02 20.59 28.79
CA SER D 120 27.37 20.18 28.47
C SER D 120 27.65 18.90 29.26
N ALA D 121 26.74 18.52 30.19
CA ALA D 121 26.85 17.31 31.00
C ALA D 121 26.60 16.07 30.16
N SER D 122 27.39 15.02 30.42
CA SER D 122 27.26 13.76 29.69
C SER D 122 26.08 12.97 30.25
N THR D 123 25.50 12.08 29.44
CA THR D 123 24.39 11.21 29.83
C THR D 123 24.89 10.11 30.75
N LYS D 124 24.22 9.92 31.86
CA LYS D 124 24.54 8.90 32.82
C LYS D 124 23.22 8.22 33.17
N GLY D 125 23.27 6.91 33.20
CA GLY D 125 22.13 6.09 33.56
C GLY D 125 22.05 6.03 35.06
N PRO D 126 20.85 5.71 35.60
CA PRO D 126 20.71 5.62 37.05
C PRO D 126 21.23 4.32 37.65
N SER D 127 21.56 4.38 38.91
CA SER D 127 21.94 3.21 39.68
C SER D 127 20.67 2.94 40.51
N VAL D 128 20.16 1.71 40.52
CA VAL D 128 18.90 1.44 41.26
C VAL D 128 19.19 0.64 42.53
N PHE D 129 18.98 1.26 43.70
CA PHE D 129 19.21 0.55 44.98
C PHE D 129 17.86 0.28 45.66
N PRO D 130 17.71 -0.85 46.40
CA PRO D 130 16.41 -1.14 47.03
C PRO D 130 16.15 -0.49 48.39
N LEU D 131 14.88 -0.17 48.62
CA LEU D 131 14.41 0.36 49.89
C LEU D 131 13.62 -0.82 50.43
N ALA D 132 14.35 -1.76 51.06
CA ALA D 132 13.82 -3.01 51.61
C ALA D 132 12.96 -2.82 52.87
N PRO D 133 11.82 -3.55 52.97
CA PRO D 133 10.98 -3.44 54.17
C PRO D 133 11.61 -4.08 55.41
N SER D 134 11.21 -3.58 56.58
CA SER D 134 11.66 -4.02 57.89
C SER D 134 10.58 -3.64 58.90
N SER D 135 10.85 -3.70 60.24
CA SER D 135 9.89 -3.29 61.26
C SER D 135 9.97 -1.77 61.39
N LYS D 136 11.13 -1.21 61.03
CA LYS D 136 11.40 0.24 60.99
C LYS D 136 10.90 0.79 59.62
N SER D 137 10.08 -0.06 58.93
CA SER D 137 9.44 0.18 57.64
C SER D 137 8.00 -0.42 57.52
N THR D 138 7.50 -1.16 58.53
CA THR D 138 6.16 -1.76 58.55
C THR D 138 5.33 -1.18 59.71
N SER D 139 4.15 -0.61 59.38
CA SER D 139 3.19 0.03 60.31
C SER D 139 2.11 -0.98 60.81
N GLY D 140 2.59 -2.02 61.48
CA GLY D 140 1.74 -3.10 61.98
C GLY D 140 1.31 -4.03 60.84
N GLY D 141 0.17 -3.71 60.23
CA GLY D 141 -0.39 -4.48 59.12
C GLY D 141 -0.20 -3.89 57.73
N THR D 142 0.73 -2.90 57.58
CA THR D 142 0.98 -2.28 56.29
C THR D 142 2.46 -1.93 56.13
N ALA D 143 3.13 -2.64 55.19
CA ALA D 143 4.55 -2.48 54.87
C ALA D 143 4.79 -1.43 53.80
N ALA D 144 5.95 -0.75 53.87
CA ALA D 144 6.40 0.25 52.92
C ALA D 144 7.69 -0.28 52.37
N LEU D 145 7.88 -0.13 51.05
CA LEU D 145 9.06 -0.59 50.33
C LEU D 145 9.23 0.26 49.10
N GLY D 146 10.34 0.09 48.40
CA GLY D 146 10.57 0.84 47.18
C GLY D 146 11.99 0.71 46.65
N CYS D 147 12.36 1.65 45.79
CA CYS D 147 13.71 1.72 45.26
C CYS D 147 14.15 3.16 44.97
N LEU D 148 15.39 3.45 45.31
CA LEU D 148 16.01 4.73 45.08
C LEU D 148 16.72 4.64 43.72
N VAL D 149 16.39 5.60 42.86
CA VAL D 149 16.89 5.77 41.50
C VAL D 149 17.88 6.96 41.54
N LYS D 150 19.13 6.67 41.92
CA LYS D 150 20.17 7.67 42.11
C LYS D 150 21.09 7.92 40.92
N ASP D 151 21.64 9.14 40.87
CA ASP D 151 22.67 9.61 39.91
C ASP D 151 22.41 9.28 38.43
N TYR D 152 21.45 9.96 37.80
CA TYR D 152 21.14 9.83 36.38
C TYR D 152 21.04 11.18 35.70
N PHE D 153 21.30 11.20 34.41
CA PHE D 153 21.18 12.43 33.65
C PHE D 153 20.76 12.15 32.22
N PRO D 154 19.74 12.85 31.68
CA PRO D 154 18.91 13.86 32.33
C PRO D 154 17.58 13.25 32.74
N GLU D 155 16.58 14.10 32.96
CA GLU D 155 15.25 13.62 33.22
C GLU D 155 14.63 13.36 31.81
N PRO D 156 13.66 12.44 31.65
CA PRO D 156 12.94 11.66 32.67
C PRO D 156 13.38 10.22 32.86
N VAL D 157 12.90 9.66 33.98
CA VAL D 157 13.09 8.28 34.37
C VAL D 157 11.66 7.67 34.50
N THR D 158 11.50 6.34 34.32
CA THR D 158 10.19 5.69 34.37
C THR D 158 10.19 4.54 35.38
N VAL D 159 9.52 4.71 36.54
CA VAL D 159 9.48 3.64 37.51
C VAL D 159 8.12 2.99 37.53
N SER D 160 8.07 1.69 37.22
CA SER D 160 6.86 0.89 37.32
C SER D 160 7.16 -0.27 38.27
N TRP D 161 6.11 -0.89 38.81
CA TRP D 161 6.26 -2.00 39.74
C TRP D 161 5.68 -3.28 39.19
N ASN D 162 6.45 -4.37 39.21
CA ASN D 162 6.06 -5.69 38.67
C ASN D 162 5.60 -5.57 37.21
N SER D 163 6.31 -4.67 36.46
CA SER D 163 6.08 -4.28 35.06
C SER D 163 4.60 -3.80 34.83
N GLY D 164 4.21 -2.81 35.64
CA GLY D 164 2.90 -2.17 35.61
C GLY D 164 1.75 -2.91 36.26
N ALA D 165 1.99 -4.10 36.82
CA ALA D 165 0.96 -4.89 37.49
C ALA D 165 0.55 -4.27 38.87
N LEU D 166 1.50 -3.56 39.48
CA LEU D 166 1.36 -2.93 40.77
C LEU D 166 1.33 -1.44 40.50
N THR D 167 0.11 -0.91 40.60
CA THR D 167 -0.19 0.48 40.33
C THR D 167 -0.79 1.15 41.58
N SER D 168 -1.53 0.40 42.42
CA SER D 168 -2.12 1.01 43.63
C SER D 168 -1.11 1.15 44.78
N GLY D 169 -1.11 2.33 45.40
CA GLY D 169 -0.26 2.65 46.54
C GLY D 169 1.14 3.16 46.19
N VAL D 170 1.46 3.21 44.89
CA VAL D 170 2.77 3.64 44.40
C VAL D 170 2.87 5.16 44.40
N HIS D 171 4.06 5.67 44.70
CA HIS D 171 4.39 7.09 44.71
C HIS D 171 5.77 7.24 44.14
N THR D 172 5.86 7.73 42.92
CA THR D 172 7.16 7.99 42.29
C THR D 172 7.32 9.51 42.44
N PHE D 173 8.19 9.92 43.37
CA PHE D 173 8.45 11.30 43.74
C PHE D 173 9.10 12.14 42.64
N PRO D 174 8.91 13.48 42.66
CA PRO D 174 9.63 14.31 41.68
C PRO D 174 11.14 14.23 41.88
N ALA D 175 11.88 14.21 40.75
CA ALA D 175 13.33 14.17 40.75
C ALA D 175 13.90 15.40 41.40
N VAL D 176 14.97 15.18 42.19
CA VAL D 176 15.67 16.27 42.87
C VAL D 176 17.12 16.28 42.39
N LEU D 177 17.49 17.31 41.63
CA LEU D 177 18.86 17.48 41.16
C LEU D 177 19.76 17.65 42.37
N GLN D 178 20.90 16.96 42.37
CA GLN D 178 21.85 16.97 43.46
C GLN D 178 23.04 17.88 43.14
N SER D 179 23.94 18.09 44.15
CA SER D 179 25.15 18.94 44.10
C SER D 179 26.20 18.40 43.14
N SER D 180 26.15 17.08 42.89
CA SER D 180 27.00 16.30 41.99
C SER D 180 26.74 16.70 40.56
N GLY D 181 25.56 17.29 40.33
CA GLY D 181 25.07 17.69 39.01
C GLY D 181 24.12 16.66 38.43
N LEU D 182 23.89 15.53 39.17
CA LEU D 182 23.02 14.44 38.72
C LEU D 182 21.71 14.40 39.49
N TYR D 183 20.68 13.81 38.89
CA TYR D 183 19.36 13.66 39.48
C TYR D 183 19.30 12.42 40.36
N SER D 184 18.29 12.38 41.24
CA SER D 184 17.96 11.25 42.13
C SER D 184 16.46 11.27 42.25
N LEU D 185 15.89 10.15 42.75
CA LEU D 185 14.45 9.88 42.83
C LEU D 185 14.24 8.61 43.68
N SER D 186 13.01 8.35 44.09
CA SER D 186 12.63 7.18 44.89
C SER D 186 11.17 6.85 44.57
N SER D 187 10.90 5.60 44.21
CA SER D 187 9.54 5.15 43.97
C SER D 187 9.17 4.26 45.14
N VAL D 188 8.18 4.68 45.86
CA VAL D 188 7.79 3.96 47.05
C VAL D 188 6.42 3.34 46.85
N VAL D 189 6.24 2.12 47.37
CA VAL D 189 4.99 1.40 47.26
C VAL D 189 4.67 0.74 48.60
N THR D 190 3.49 1.07 49.12
CA THR D 190 3.00 0.46 50.34
C THR D 190 2.33 -0.82 49.88
N VAL D 191 2.50 -1.87 50.69
CA VAL D 191 2.05 -3.24 50.42
C VAL D 191 1.54 -3.92 51.74
N PRO D 192 0.64 -4.93 51.69
CA PRO D 192 0.26 -5.59 52.95
C PRO D 192 1.40 -6.46 53.47
N SER D 193 1.76 -6.25 54.73
CA SER D 193 2.83 -6.97 55.44
C SER D 193 2.77 -8.53 55.28
N SER D 194 1.55 -9.12 55.11
CA SER D 194 1.35 -10.56 54.90
C SER D 194 2.01 -11.02 53.58
N SER D 195 1.95 -10.14 52.55
CA SER D 195 2.51 -10.42 51.24
C SER D 195 3.96 -9.97 51.19
N LEU D 196 4.84 -10.69 51.88
CA LEU D 196 6.25 -10.29 51.89
C LEU D 196 7.17 -11.43 51.59
N GLY D 197 6.93 -12.56 52.24
CA GLY D 197 7.69 -13.78 52.03
C GLY D 197 7.04 -14.66 50.97
N THR D 198 5.94 -14.13 50.37
CA THR D 198 5.16 -14.78 49.31
C THR D 198 5.28 -13.96 48.03
N GLN D 199 4.82 -12.67 48.05
CA GLN D 199 4.86 -11.80 46.86
C GLN D 199 6.24 -11.20 46.61
N THR D 200 6.78 -11.47 45.39
CA THR D 200 8.06 -10.95 44.96
C THR D 200 7.80 -9.61 44.34
N TYR D 201 8.50 -8.56 44.83
CA TYR D 201 8.34 -7.21 44.33
C TYR D 201 9.54 -6.76 43.51
N ILE D 202 9.30 -6.32 42.26
CA ILE D 202 10.36 -5.84 41.38
C ILE D 202 10.01 -4.46 40.91
N CYS D 203 11.00 -3.53 40.92
CA CYS D 203 10.82 -2.19 40.36
C CYS D 203 11.53 -2.06 39.03
N ASN D 204 10.74 -1.78 38.01
CA ASN D 204 11.22 -1.69 36.65
C ASN D 204 11.42 -0.23 36.31
N VAL D 205 12.70 0.14 36.28
CA VAL D 205 13.24 1.48 36.02
C VAL D 205 13.77 1.54 34.61
N ASN D 206 13.32 2.52 33.85
CA ASN D 206 13.82 2.70 32.49
C ASN D 206 14.13 4.17 32.21
N HIS D 207 15.37 4.38 31.75
CA HIS D 207 15.96 5.64 31.38
C HIS D 207 16.32 5.58 29.88
N LYS D 208 15.33 5.97 29.06
CA LYS D 208 15.33 6.06 27.60
C LYS D 208 16.55 6.91 27.06
N PRO D 209 16.89 8.14 27.59
CA PRO D 209 18.06 8.88 27.04
C PRO D 209 19.39 8.13 27.03
N SER D 210 19.58 7.13 27.91
CA SER D 210 20.79 6.28 27.96
C SER D 210 20.50 4.78 27.63
N ASN D 211 19.23 4.50 27.23
CA ASN D 211 18.68 3.20 26.87
C ASN D 211 18.87 2.16 27.97
N THR D 212 18.88 2.63 29.23
CA THR D 212 19.00 1.81 30.43
C THR D 212 17.64 1.22 30.82
N LYS D 213 17.62 -0.04 31.25
CA LYS D 213 16.44 -0.70 31.79
C LYS D 213 16.95 -1.57 32.91
N VAL D 214 16.59 -1.24 34.13
CA VAL D 214 17.03 -1.99 35.30
C VAL D 214 15.80 -2.49 36.05
N ASP D 215 15.82 -3.76 36.46
CA ASP D 215 14.77 -4.40 37.22
C ASP D 215 15.43 -4.81 38.53
N LYS D 216 14.91 -4.31 39.68
CA LYS D 216 15.48 -4.60 41.02
C LYS D 216 14.49 -5.32 41.96
N ARG D 217 14.78 -6.62 42.26
CA ARG D 217 13.96 -7.38 43.21
C ARG D 217 14.18 -6.80 44.65
N VAL D 218 13.13 -6.18 45.22
CA VAL D 218 13.17 -5.58 46.55
C VAL D 218 12.88 -6.65 47.63
N GLU D 219 13.94 -7.41 48.02
CA GLU D 219 13.86 -8.47 49.04
C GLU D 219 13.86 -7.86 50.46
N PRO D 220 13.20 -8.47 51.47
CA PRO D 220 13.16 -7.83 52.79
C PRO D 220 14.28 -8.25 53.75
N ASP E 1 0.47 40.37 20.07
CA ASP E 1 0.51 39.18 20.93
C ASP E 1 -0.32 39.40 22.21
N ILE E 2 -1.61 38.96 22.19
CA ILE E 2 -2.63 39.04 23.27
C ILE E 2 -2.12 38.37 24.55
N GLN E 3 -2.29 39.04 25.69
CA GLN E 3 -1.84 38.51 26.99
C GLN E 3 -3.03 38.01 27.80
N MET E 4 -2.99 36.72 28.18
CA MET E 4 -4.04 36.04 28.97
C MET E 4 -3.67 36.09 30.44
N THR E 5 -4.56 36.64 31.28
CA THR E 5 -4.28 36.71 32.70
C THR E 5 -5.29 35.86 33.48
N GLN E 6 -4.79 34.75 34.02
CA GLN E 6 -5.58 33.80 34.80
C GLN E 6 -5.58 34.13 36.28
N SER E 7 -6.72 33.86 36.96
CA SER E 7 -6.83 34.13 38.39
C SER E 7 -7.81 33.20 39.11
N PRO E 8 -7.48 32.65 40.30
CA PRO E 8 -6.23 32.79 41.06
C PRO E 8 -5.10 31.86 40.58
N SER E 9 -3.87 32.02 41.09
CA SER E 9 -2.74 31.14 40.73
C SER E 9 -3.04 29.68 41.14
N SER E 10 -3.68 29.51 42.31
CA SER E 10 -4.08 28.24 42.93
C SER E 10 -5.34 28.47 43.78
N LEU E 11 -5.99 27.39 44.21
CA LEU E 11 -7.15 27.41 45.10
C LEU E 11 -7.41 26.04 45.72
N SER E 12 -7.88 26.03 46.96
CA SER E 12 -8.21 24.77 47.63
C SER E 12 -9.66 24.80 48.11
N ALA E 13 -10.41 23.79 47.71
CA ALA E 13 -11.83 23.61 48.03
C ALA E 13 -12.12 22.20 48.48
N SER E 14 -13.20 22.03 49.25
CA SER E 14 -13.66 20.73 49.76
C SER E 14 -14.35 19.96 48.63
N VAL E 15 -14.53 18.63 48.77
CA VAL E 15 -15.22 17.87 47.73
C VAL E 15 -16.70 18.26 47.70
N GLY E 16 -17.22 18.38 46.49
CA GLY E 16 -18.58 18.81 46.22
C GLY E 16 -18.72 20.31 46.23
N ASP E 17 -17.64 21.05 45.92
CA ASP E 17 -17.66 22.52 45.93
C ASP E 17 -17.67 23.12 44.52
N ARG E 18 -18.35 24.28 44.37
CA ARG E 18 -18.39 25.05 43.13
C ARG E 18 -17.08 25.82 43.02
N VAL E 19 -16.31 25.58 41.97
CA VAL E 19 -15.03 26.25 41.77
C VAL E 19 -15.14 27.16 40.56
N THR E 20 -14.61 28.40 40.66
CA THR E 20 -14.64 29.37 39.57
C THR E 20 -13.26 29.97 39.31
N ILE E 21 -12.72 29.72 38.11
CA ILE E 21 -11.45 30.26 37.64
C ILE E 21 -11.76 31.46 36.72
N THR E 22 -11.02 32.55 36.85
CA THR E 22 -11.16 33.72 36.00
C THR E 22 -10.04 33.79 34.99
N CYS E 23 -10.32 34.34 33.82
CA CYS E 23 -9.40 34.51 32.69
C CYS E 23 -9.73 35.83 31.98
N ARG E 24 -8.72 36.70 31.82
CA ARG E 24 -8.86 38.00 31.16
C ARG E 24 -7.90 38.16 29.97
N ALA E 25 -8.42 38.64 28.81
CA ALA E 25 -7.61 38.87 27.59
C ALA E 25 -7.31 40.36 27.41
N SER E 26 -6.13 40.71 26.83
CA SER E 26 -5.75 42.11 26.60
C SER E 26 -6.68 42.79 25.58
N GLN E 27 -7.11 41.99 24.59
CA GLN E 27 -7.95 42.42 23.46
C GLN E 27 -9.21 41.60 23.46
N ASP E 28 -10.25 42.10 22.77
CA ASP E 28 -11.52 41.39 22.59
C ASP E 28 -11.20 40.19 21.70
N ILE E 29 -11.41 39.00 22.26
CA ILE E 29 -11.12 37.74 21.60
C ILE E 29 -12.41 37.03 21.18
N SER E 30 -13.55 37.75 21.30
CA SER E 30 -14.90 37.28 20.97
C SER E 30 -15.25 36.13 21.90
N ASN E 31 -15.28 34.91 21.37
CA ASN E 31 -15.54 33.69 22.10
C ASN E 31 -14.47 32.64 21.82
N TYR E 32 -13.39 33.04 21.10
CA TYR E 32 -12.29 32.14 20.77
C TYR E 32 -11.39 31.88 21.99
N LEU E 33 -11.98 31.21 23.00
CA LEU E 33 -11.32 30.81 24.23
C LEU E 33 -11.50 29.30 24.52
N ASN E 34 -10.41 28.64 24.91
CA ASN E 34 -10.40 27.22 25.27
C ASN E 34 -9.84 27.05 26.69
N TRP E 35 -10.21 25.93 27.36
CA TRP E 35 -9.79 25.57 28.72
C TRP E 35 -9.19 24.18 28.74
N TYR E 36 -8.05 24.02 29.41
CA TYR E 36 -7.34 22.74 29.50
C TYR E 36 -7.13 22.33 30.92
N GLN E 37 -7.19 21.03 31.17
CA GLN E 37 -6.90 20.42 32.47
C GLN E 37 -5.58 19.68 32.29
N GLN E 38 -4.60 19.99 33.13
CA GLN E 38 -3.31 19.30 33.05
C GLN E 38 -3.01 18.59 34.36
N LYS E 39 -3.00 17.26 34.35
CA LYS E 39 -2.75 16.54 35.59
C LYS E 39 -1.24 16.37 35.80
N PRO E 40 -0.74 16.17 37.04
CA PRO E 40 0.73 16.07 37.21
C PRO E 40 1.34 14.96 36.36
N GLY E 41 2.33 15.34 35.56
CA GLY E 41 3.06 14.46 34.66
C GLY E 41 2.50 14.42 33.25
N LYS E 42 1.19 14.19 33.13
CA LYS E 42 0.47 14.10 31.85
C LYS E 42 0.47 15.42 31.00
N ALA E 43 0.03 15.30 29.74
CA ALA E 43 -0.12 16.41 28.80
C ALA E 43 -1.47 17.09 29.00
N PRO E 44 -1.62 18.38 28.66
CA PRO E 44 -2.95 19.01 28.79
C PRO E 44 -4.03 18.27 27.99
N LYS E 45 -5.26 18.26 28.55
CA LYS E 45 -6.44 17.64 27.94
C LYS E 45 -7.43 18.80 27.67
N LEU E 46 -8.06 18.86 26.48
CA LEU E 46 -9.04 19.90 26.16
C LEU E 46 -10.28 19.65 26.96
N LEU E 47 -10.73 20.68 27.69
CA LEU E 47 -11.93 20.64 28.51
C LEU E 47 -13.08 21.37 27.82
N ILE E 48 -12.89 22.68 27.60
CA ILE E 48 -13.89 23.58 27.02
C ILE E 48 -13.32 24.28 25.80
N TYR E 49 -14.06 24.29 24.69
CA TYR E 49 -13.68 25.01 23.47
C TYR E 49 -14.76 26.08 23.18
N TYR E 50 -14.40 27.12 22.40
CA TYR E 50 -15.30 28.23 22.04
C TYR E 50 -16.11 28.77 23.24
N THR E 51 -15.38 29.14 24.30
CA THR E 51 -15.84 29.72 25.58
C THR E 51 -16.69 28.79 26.47
N SER E 52 -17.76 28.22 25.91
CA SER E 52 -18.77 27.47 26.63
C SER E 52 -18.99 26.04 26.20
N ARG E 53 -18.45 25.63 25.05
CA ARG E 53 -18.66 24.27 24.53
C ARG E 53 -17.80 23.16 25.21
N LEU E 54 -18.49 22.07 25.57
CA LEU E 54 -17.94 20.89 26.23
C LEU E 54 -17.42 19.82 25.27
N HIS E 55 -16.08 19.57 25.34
CA HIS E 55 -15.41 18.56 24.53
C HIS E 55 -15.81 17.12 24.92
N SER E 56 -15.96 16.26 23.92
CA SER E 56 -16.35 14.86 24.02
C SER E 56 -15.54 14.08 25.07
N GLY E 57 -16.21 13.68 26.15
CA GLY E 57 -15.58 12.94 27.25
C GLY E 57 -15.60 13.69 28.56
N VAL E 58 -15.49 15.03 28.50
CA VAL E 58 -15.45 15.96 29.64
C VAL E 58 -16.82 15.91 30.38
N PRO E 59 -16.84 15.68 31.73
CA PRO E 59 -18.13 15.57 32.42
C PRO E 59 -18.93 16.84 32.57
N SER E 60 -20.27 16.68 32.66
CA SER E 60 -21.33 17.67 32.79
C SER E 60 -21.01 18.83 33.74
N ARG E 61 -20.37 18.53 34.88
CA ARG E 61 -19.99 19.47 35.95
C ARG E 61 -19.13 20.62 35.47
N PHE E 62 -18.27 20.38 34.46
CA PHE E 62 -17.39 21.41 33.92
C PHE E 62 -18.19 22.35 33.04
N SER E 63 -17.83 23.64 33.04
CA SER E 63 -18.52 24.69 32.29
C SER E 63 -17.69 25.95 32.17
N GLY E 64 -18.03 26.78 31.19
CA GLY E 64 -17.35 28.03 30.91
C GLY E 64 -18.30 29.10 30.45
N SER E 65 -18.02 30.35 30.84
CA SER E 65 -18.85 31.51 30.53
C SER E 65 -18.02 32.72 30.09
N GLY E 66 -18.66 33.66 29.42
CA GLY E 66 -17.98 34.88 29.01
C GLY E 66 -18.30 35.42 27.64
N SER E 67 -17.46 36.39 27.24
CA SER E 67 -17.41 37.13 26.00
C SER E 67 -16.34 38.23 26.12
N GLY E 68 -15.86 38.72 24.98
CA GLY E 68 -14.91 39.81 24.90
C GLY E 68 -13.56 39.54 25.51
N THR E 69 -13.34 40.04 26.76
CA THR E 69 -12.09 39.93 27.52
C THR E 69 -12.23 39.20 28.87
N ASP E 70 -13.44 39.17 29.43
CA ASP E 70 -13.71 38.54 30.71
C ASP E 70 -14.32 37.16 30.56
N PHE E 71 -13.64 36.14 31.11
CA PHE E 71 -14.06 34.72 30.99
C PHE E 71 -13.91 33.91 32.28
N THR E 72 -14.83 32.95 32.52
CA THR E 72 -14.74 32.11 33.71
C THR E 72 -15.03 30.65 33.47
N PHE E 73 -14.28 29.77 34.16
CA PHE E 73 -14.39 28.31 34.13
C PHE E 73 -14.91 27.79 35.47
N THR E 74 -15.96 26.97 35.45
CA THR E 74 -16.53 26.47 36.69
C THR E 74 -16.63 24.97 36.74
N ILE E 75 -16.54 24.44 37.95
CA ILE E 75 -16.75 23.05 38.33
C ILE E 75 -17.95 23.16 39.30
N SER E 76 -19.06 22.46 38.99
CA SER E 76 -20.28 22.50 39.81
C SER E 76 -20.05 21.92 41.20
N SER E 77 -19.45 20.70 41.26
CA SER E 77 -19.12 19.99 42.50
C SER E 77 -17.80 19.24 42.36
N LEU E 78 -16.74 19.86 42.89
CA LEU E 78 -15.37 19.37 42.88
C LEU E 78 -15.25 17.93 43.32
N GLN E 79 -14.58 17.15 42.47
CA GLN E 79 -14.29 15.72 42.68
C GLN E 79 -12.80 15.53 42.93
N PRO E 80 -12.41 14.59 43.83
CA PRO E 80 -10.98 14.37 44.11
C PRO E 80 -10.04 14.29 42.89
N GLU E 81 -10.55 13.76 41.74
CA GLU E 81 -9.79 13.64 40.50
C GLU E 81 -9.59 14.98 39.82
N ASP E 82 -10.57 15.93 39.94
CA ASP E 82 -10.49 17.27 39.33
C ASP E 82 -9.26 18.07 39.82
N ILE E 83 -8.43 17.49 40.70
CA ILE E 83 -7.22 18.15 41.16
C ILE E 83 -6.23 18.22 40.02
N ALA E 84 -6.00 19.41 39.45
CA ALA E 84 -5.06 19.60 38.35
C ALA E 84 -4.77 21.11 38.18
N THR E 85 -3.93 21.47 37.19
CA THR E 85 -3.61 22.87 36.85
C THR E 85 -4.42 23.21 35.58
N TYR E 86 -5.30 24.19 35.68
CA TYR E 86 -6.16 24.59 34.56
C TYR E 86 -5.60 25.78 33.81
N PHE E 87 -5.76 25.79 32.47
CA PHE E 87 -5.25 26.86 31.62
C PHE E 87 -6.30 27.27 30.64
N CYS E 88 -6.38 28.58 30.34
CA CYS E 88 -7.26 29.14 29.33
C CYS E 88 -6.38 29.54 28.17
N GLN E 89 -6.90 29.50 26.94
CA GLN E 89 -6.11 29.86 25.77
C GLN E 89 -6.99 30.61 24.80
N GLN E 90 -6.43 31.55 24.04
CA GLN E 90 -7.17 32.30 23.02
C GLN E 90 -6.80 31.74 21.61
N GLY E 91 -7.78 31.80 20.71
CA GLY E 91 -7.67 31.36 19.33
C GLY E 91 -8.19 32.40 18.37
N ASN E 92 -8.16 33.69 18.77
CA ASN E 92 -8.62 34.83 17.98
C ASN E 92 -7.53 35.30 16.99
N THR E 93 -6.32 35.60 17.51
CA THR E 93 -5.19 36.00 16.66
C THR E 93 -3.90 35.25 17.01
N ARG E 94 -3.07 35.02 15.98
CA ARG E 94 -1.78 34.38 16.12
C ARG E 94 -0.74 35.36 16.72
N PRO E 95 0.14 34.97 17.68
CA PRO E 95 0.32 33.64 18.25
C PRO E 95 -0.74 33.26 19.27
N TRP E 96 -1.06 31.94 19.37
CA TRP E 96 -2.01 31.46 20.36
C TRP E 96 -1.31 31.65 21.70
N THR E 97 -2.04 32.22 22.65
CA THR E 97 -1.49 32.53 23.95
C THR E 97 -2.29 31.80 25.00
N PHE E 98 -1.60 31.34 26.04
CA PHE E 98 -2.19 30.61 27.17
C PHE E 98 -2.12 31.47 28.42
N GLY E 99 -3.03 31.20 29.37
CA GLY E 99 -3.03 31.83 30.68
C GLY E 99 -1.94 31.20 31.54
N GLY E 100 -1.45 31.96 32.52
CA GLY E 100 -0.37 31.48 33.39
C GLY E 100 -0.75 30.17 34.06
N GLY E 101 -2.04 29.88 34.11
CA GLY E 101 -2.49 28.62 34.72
C GLY E 101 -2.82 28.78 36.19
N THR E 102 -3.91 28.17 36.63
CA THR E 102 -4.31 28.24 38.06
C THR E 102 -4.42 26.81 38.59
N LYS E 103 -3.66 26.49 39.63
CA LYS E 103 -3.66 25.13 40.23
C LYS E 103 -4.92 24.95 41.07
N VAL E 104 -5.31 23.71 41.34
CA VAL E 104 -6.51 23.44 42.18
C VAL E 104 -6.18 22.29 43.11
N GLU E 105 -6.50 22.42 44.38
CA GLU E 105 -6.21 21.34 45.37
C GLU E 105 -7.49 21.03 46.15
N ILE E 106 -7.49 19.95 46.91
CA ILE E 106 -8.68 19.64 47.66
C ILE E 106 -8.42 19.65 49.17
N LYS E 107 -9.21 20.46 49.89
CA LYS E 107 -9.23 20.56 51.35
C LYS E 107 -10.01 19.36 51.93
N ARG E 108 -9.37 18.59 52.83
CA ARG E 108 -9.95 17.40 53.48
C ARG E 108 -9.47 17.26 54.96
N THR E 109 -10.06 16.30 55.68
CA THR E 109 -9.74 15.99 57.07
C THR E 109 -8.26 15.72 57.25
N VAL E 110 -7.60 16.49 58.14
CA VAL E 110 -6.18 16.38 58.52
C VAL E 110 -5.85 14.92 58.80
N ALA E 111 -4.81 14.42 58.11
CA ALA E 111 -4.34 13.08 58.32
C ALA E 111 -2.85 13.13 58.58
N ALA E 112 -2.43 12.55 59.71
CA ALA E 112 -1.03 12.48 60.10
C ALA E 112 -0.26 11.55 59.15
N PRO E 113 1.03 11.82 58.88
CA PRO E 113 1.77 10.92 58.00
C PRO E 113 2.19 9.64 58.71
N SER E 114 2.32 8.55 57.93
CA SER E 114 2.83 7.27 58.37
C SER E 114 4.31 7.44 58.05
N VAL E 115 5.15 7.43 59.07
CA VAL E 115 6.59 7.64 58.89
C VAL E 115 7.27 6.26 58.76
N PHE E 116 8.19 6.12 57.79
CA PHE E 116 8.97 4.92 57.52
C PHE E 116 10.41 5.28 57.23
N ILE E 117 11.37 4.53 57.78
CA ILE E 117 12.78 4.80 57.56
C ILE E 117 13.45 3.62 56.83
N PHE E 118 14.36 3.91 55.88
CA PHE E 118 15.06 2.90 55.10
C PHE E 118 16.55 3.14 55.22
N PRO E 119 17.29 2.18 55.81
CA PRO E 119 18.75 2.36 55.94
C PRO E 119 19.47 2.16 54.60
N PRO E 120 20.74 2.60 54.46
CA PRO E 120 21.43 2.40 53.20
C PRO E 120 21.54 0.92 52.85
N SER E 121 21.20 0.60 51.58
CA SER E 121 21.30 -0.75 51.03
C SER E 121 22.75 -1.22 51.01
N ASP E 122 22.98 -2.53 51.14
CA ASP E 122 24.34 -3.08 51.12
C ASP E 122 25.02 -2.88 49.77
N GLU E 123 24.21 -2.85 48.68
CA GLU E 123 24.65 -2.63 47.30
C GLU E 123 25.18 -1.22 47.16
N GLN E 124 24.45 -0.23 47.70
CA GLN E 124 24.88 1.17 47.67
C GLN E 124 26.14 1.36 48.51
N LEU E 125 26.16 0.75 49.71
CA LEU E 125 27.32 0.81 50.59
C LEU E 125 28.55 0.25 49.88
N LYS E 126 28.36 -0.75 48.99
CA LYS E 126 29.45 -1.33 48.17
C LYS E 126 30.12 -0.18 47.41
N SER E 127 29.32 0.63 46.65
CA SER E 127 29.76 1.79 45.87
C SER E 127 30.70 2.71 46.67
N GLY E 128 30.28 3.04 47.89
CA GLY E 128 31.07 3.89 48.77
C GLY E 128 30.30 5.12 49.22
N THR E 129 28.96 5.10 49.08
CA THR E 129 28.03 6.18 49.47
C THR E 129 26.79 5.57 50.15
N ALA E 130 26.30 6.19 51.22
CA ALA E 130 25.13 5.75 51.99
C ALA E 130 23.99 6.75 52.02
N SER E 131 22.83 6.41 51.44
CA SER E 131 21.65 7.29 51.49
C SER E 131 20.54 6.66 52.32
N VAL E 132 20.12 7.39 53.37
CA VAL E 132 19.06 6.98 54.28
C VAL E 132 17.78 7.69 53.81
N VAL E 133 16.67 6.95 53.70
CA VAL E 133 15.40 7.50 53.21
C VAL E 133 14.32 7.55 54.29
N CYS E 134 13.70 8.72 54.46
CA CYS E 134 12.63 8.97 55.40
C CYS E 134 11.37 9.24 54.60
N LEU E 135 10.43 8.30 54.61
CA LEU E 135 9.17 8.46 53.92
C LEU E 135 7.99 8.78 54.88
N LEU E 136 7.28 9.89 54.60
CA LEU E 136 6.07 10.37 55.32
C LEU E 136 4.98 10.08 54.33
N ASN E 137 4.12 9.14 54.63
CA ASN E 137 3.19 8.68 53.62
C ASN E 137 1.71 8.94 53.97
N ASN E 138 0.97 9.46 52.94
CA ASN E 138 -0.45 9.80 52.89
C ASN E 138 -0.88 10.71 54.03
N PHE E 139 -0.53 12.00 53.88
CA PHE E 139 -0.85 13.03 54.88
C PHE E 139 -1.46 14.25 54.25
N TYR E 140 -2.07 15.08 55.11
CA TYR E 140 -2.70 16.33 54.74
C TYR E 140 -2.84 17.21 55.99
N PRO E 141 -2.55 18.53 55.91
CA PRO E 141 -2.02 19.31 54.76
C PRO E 141 -0.58 19.00 54.42
N ARG E 142 -0.10 19.51 53.27
CA ARG E 142 1.25 19.33 52.70
C ARG E 142 2.36 19.74 53.66
N GLU E 143 2.12 20.83 54.42
CA GLU E 143 3.06 21.39 55.39
C GLU E 143 3.44 20.33 56.40
N ALA E 144 4.69 19.90 56.30
CA ALA E 144 5.30 18.87 57.12
C ALA E 144 6.76 19.28 57.40
N LYS E 145 7.28 18.94 58.58
CA LYS E 145 8.66 19.28 58.90
C LYS E 145 9.44 18.00 59.21
N VAL E 146 10.49 17.73 58.46
CA VAL E 146 11.27 16.54 58.77
C VAL E 146 12.72 16.93 59.03
N GLN E 147 13.23 16.60 60.22
CA GLN E 147 14.62 16.89 60.58
C GLN E 147 15.36 15.58 60.67
N TRP E 148 16.64 15.58 60.31
CA TRP E 148 17.48 14.39 60.35
C TRP E 148 18.43 14.54 61.54
N LYS E 149 18.54 13.50 62.38
CA LYS E 149 19.44 13.51 63.56
C LYS E 149 20.41 12.34 63.55
N VAL E 150 21.64 12.58 63.13
CA VAL E 150 22.65 11.53 63.15
C VAL E 150 23.33 11.64 64.51
N ASP E 151 23.28 10.54 65.33
CA ASP E 151 23.81 10.50 66.71
C ASP E 151 23.32 11.73 67.51
N ASN E 152 22.00 11.96 67.47
CA ASN E 152 21.23 13.01 68.09
C ASN E 152 21.60 14.43 67.67
N ALA E 153 22.70 14.61 66.90
CA ALA E 153 23.11 15.88 66.31
C ALA E 153 22.25 16.13 65.05
N LEU E 154 21.71 17.37 64.89
CA LEU E 154 20.89 17.80 63.74
C LEU E 154 21.72 17.86 62.48
N GLN E 155 21.37 17.05 61.51
CA GLN E 155 22.06 17.02 60.25
C GLN E 155 21.40 17.90 59.23
N SER E 156 21.84 19.16 59.31
CA SER E 156 21.49 20.30 58.47
C SER E 156 22.44 20.42 57.24
N GLY E 157 21.85 20.31 56.04
CA GLY E 157 22.57 20.47 54.77
C GLY E 157 22.97 19.21 54.03
N ASN E 158 22.79 18.03 54.64
CA ASN E 158 23.14 16.74 54.05
C ASN E 158 21.93 16.07 53.40
N SER E 159 20.79 16.77 53.33
CA SER E 159 19.57 16.14 52.86
C SER E 159 18.73 16.97 51.92
N GLN E 160 17.94 16.29 51.07
CA GLN E 160 17.03 16.87 50.08
C GLN E 160 15.61 16.27 50.22
N GLU E 161 14.58 17.12 50.27
CA GLU E 161 13.17 16.71 50.37
C GLU E 161 12.54 16.65 48.99
N SER E 162 11.42 15.92 48.86
CA SER E 162 10.63 15.80 47.64
C SER E 162 9.22 15.41 48.01
N VAL E 163 8.24 16.25 47.61
CA VAL E 163 6.83 16.00 47.94
C VAL E 163 6.04 15.72 46.65
N THR E 164 5.09 14.77 46.70
CA THR E 164 4.23 14.36 45.59
C THR E 164 3.09 15.33 45.41
N GLU E 165 2.52 15.35 44.19
CA GLU E 165 1.34 16.16 43.94
C GLU E 165 0.18 15.43 44.55
N GLN E 166 -0.82 16.16 45.03
CA GLN E 166 -2.00 15.60 45.71
C GLN E 166 -2.63 14.42 44.96
N ASP E 167 -2.81 13.30 45.69
CA ASP E 167 -3.39 12.07 45.18
C ASP E 167 -4.84 12.32 44.74
N SER E 168 -5.15 11.97 43.49
CA SER E 168 -6.49 12.14 42.91
C SER E 168 -7.58 11.21 43.53
N LYS E 169 -7.16 10.30 44.44
CA LYS E 169 -8.04 9.33 45.08
C LYS E 169 -8.35 9.73 46.50
N ASP E 170 -7.36 9.70 47.43
CA ASP E 170 -7.63 10.07 48.83
C ASP E 170 -7.22 11.51 49.21
N SER E 171 -6.93 12.37 48.21
CA SER E 171 -6.55 13.78 48.34
C SER E 171 -5.39 14.03 49.33
N THR E 172 -4.38 13.14 49.35
CA THR E 172 -3.23 13.30 50.27
C THR E 172 -1.91 13.58 49.56
N TYR E 173 -0.90 13.94 50.34
CA TYR E 173 0.45 14.17 49.89
C TYR E 173 1.35 13.13 50.55
N SER E 174 2.48 12.80 49.92
CA SER E 174 3.50 11.90 50.45
C SER E 174 4.85 12.63 50.27
N LEU E 175 5.76 12.43 51.20
CA LEU E 175 7.02 13.15 51.16
C LEU E 175 8.20 12.23 51.47
N SER E 176 9.29 12.40 50.74
CA SER E 176 10.54 11.66 50.93
C SER E 176 11.63 12.62 51.35
N SER E 177 12.46 12.18 52.30
CA SER E 177 13.62 12.95 52.74
C SER E 177 14.83 12.02 52.64
N THR E 178 15.78 12.34 51.73
CA THR E 178 16.96 11.52 51.56
C THR E 178 18.21 12.20 52.11
N LEU E 179 18.83 11.57 53.11
CA LEU E 179 20.07 12.01 53.74
C LEU E 179 21.22 11.30 53.03
N THR E 180 22.04 12.06 52.28
CA THR E 180 23.18 11.50 51.54
C THR E 180 24.54 11.76 52.24
N LEU E 181 25.20 10.67 52.61
CA LEU E 181 26.50 10.66 53.28
C LEU E 181 27.44 9.69 52.59
N SER E 182 28.75 9.83 52.84
CA SER E 182 29.74 8.91 52.32
C SER E 182 29.76 7.69 53.23
N LYS E 183 30.24 6.54 52.70
CA LYS E 183 30.36 5.28 53.44
C LYS E 183 31.11 5.56 54.76
N ALA E 184 32.23 6.29 54.65
CA ALA E 184 33.09 6.75 55.74
C ALA E 184 32.33 7.58 56.83
N ASP E 185 31.47 8.53 56.39
CA ASP E 185 30.67 9.38 57.24
C ASP E 185 29.54 8.59 57.91
N TYR E 186 29.00 7.63 57.18
CA TYR E 186 27.92 6.79 57.69
C TYR E 186 28.46 5.80 58.75
N GLU E 187 29.56 5.09 58.43
CA GLU E 187 30.17 4.11 59.34
C GLU E 187 30.75 4.74 60.62
N LYS E 188 30.89 6.08 60.64
CA LYS E 188 31.41 6.86 61.77
C LYS E 188 30.39 7.01 62.94
N HIS E 189 29.05 7.01 62.64
CA HIS E 189 27.96 7.18 63.63
C HIS E 189 27.00 5.99 63.71
N LYS E 190 26.29 5.87 64.85
CA LYS E 190 25.39 4.74 65.17
C LYS E 190 23.90 4.93 64.81
N VAL E 191 23.21 5.84 65.53
CA VAL E 191 21.76 6.04 65.45
C VAL E 191 21.44 7.07 64.38
N TYR E 192 20.50 6.72 63.51
CA TYR E 192 20.06 7.56 62.40
C TYR E 192 18.55 7.71 62.47
N ALA E 193 18.08 8.95 62.70
CA ALA E 193 16.64 9.21 62.86
C ALA E 193 16.12 10.39 62.09
N CYS E 194 14.84 10.32 61.70
CA CYS E 194 14.17 11.44 61.09
C CYS E 194 12.98 11.78 61.96
N GLU E 195 12.94 13.04 62.43
CA GLU E 195 11.94 13.57 63.32
C GLU E 195 10.93 14.37 62.52
N VAL E 196 9.68 13.93 62.59
CA VAL E 196 8.57 14.50 61.84
C VAL E 196 7.62 15.34 62.70
N THR E 197 7.31 16.55 62.20
CA THR E 197 6.37 17.51 62.77
C THR E 197 5.28 17.81 61.73
N HIS E 198 4.03 17.65 62.15
CA HIS E 198 2.85 17.82 61.29
C HIS E 198 1.65 18.19 62.15
N GLN E 199 0.69 18.92 61.56
CA GLN E 199 -0.55 19.35 62.19
C GLN E 199 -1.28 18.18 62.85
N GLY E 200 -1.41 17.05 62.13
CA GLY E 200 -2.09 15.84 62.60
C GLY E 200 -1.37 15.07 63.68
N LEU E 201 -0.17 15.56 64.09
CA LEU E 201 0.63 14.95 65.13
C LEU E 201 0.65 15.83 66.36
N SER E 202 0.18 15.31 67.49
CA SER E 202 0.17 16.06 68.74
C SER E 202 1.60 16.23 69.28
N SER E 203 2.46 15.22 69.06
CA SER E 203 3.86 15.20 69.45
C SER E 203 4.71 14.82 68.20
N PRO E 204 5.99 15.21 68.08
CA PRO E 204 6.74 14.83 66.87
C PRO E 204 7.14 13.38 66.92
N VAL E 205 7.01 12.69 65.78
CA VAL E 205 7.36 11.28 65.60
C VAL E 205 8.85 11.15 65.25
N THR E 206 9.57 10.24 65.93
CA THR E 206 10.99 10.05 65.66
C THR E 206 11.25 8.64 65.20
N LYS E 207 11.28 8.41 63.87
CA LYS E 207 11.56 7.10 63.28
C LYS E 207 13.09 6.96 63.17
N SER E 208 13.68 5.94 63.86
CA SER E 208 15.14 5.72 63.89
C SER E 208 15.55 4.26 63.70
N PHE E 209 16.87 4.05 63.56
CA PHE E 209 17.48 2.72 63.46
C PHE E 209 18.94 2.80 63.91
N ASN E 210 19.51 1.63 64.24
CA ASN E 210 20.94 1.53 64.60
C ASN E 210 21.70 0.76 63.51
N ARG E 211 22.85 1.30 63.11
CA ARG E 211 23.75 0.77 62.08
C ARG E 211 24.39 -0.53 62.56
#